data_1Z5L
#
_entry.id   1Z5L
#
_cell.length_a   59.451
_cell.length_b   77.045
_cell.length_c   111.014
_cell.angle_alpha   90.00
_cell.angle_beta   107.63
_cell.angle_gamma   90.00
#
_symmetry.space_group_name_H-M   'P 1 21 1'
#
loop_
_entity.id
_entity.type
_entity.pdbx_description
1 polymer 'T-cell surface glycoprotein CD1d antigen'
2 polymer Beta-2-microglobulin
3 branched 2-acetamido-2-deoxy-beta-D-glucopyranose-(1-4)-2-acetamido-2-deoxy-beta-D-glucopyranose
4 non-polymer 2-acetamido-2-deoxy-beta-D-glucopyranose
5 non-polymer (2S,3S,4R)-N-OCTANOYL-1-[(ALPHA-D-GALACTOPYRANOSYL)OXY]-2-AMINO-OCTADECANE-3,4-DIOL
6 non-polymer HEXADECANE
7 water water
#
loop_
_entity_poly.entity_id
_entity_poly.type
_entity_poly.pdbx_seq_one_letter_code
_entity_poly.pdbx_strand_id
1 'polypeptide(L)'
;SEAQQKNYTFRCLQMSSFANRSWSRTDSVVWLGDLQTHRWSNDSATISFTKPWSQGKLSNQQWEKLQHMFQVYRVSFTRD
IQELVKMMSPKEDYPIEIQLSAGCEMYPGNASESFLHVAFQGKYVVRFWGTSWQTVPGAPSWLDLPIKVLNADQGTSATV
QMLLNDTCPLFVRGLLEAGKSDLEKQEKPVAWLSSVPSSAHGHRQLVCHVSGFYPKPVWVMWMRGDQEQQGTHRGDFLPN
ADETWYLQATLDVEAGEEAGLACRVKHSSLGGQDIILYWHHHHHH
;
A,C
2 'polypeptide(L)'
;IQKTPQIQVYSRHPPENGKPNILNCYVTQFHPPHIEIQMLKNGKKIPKVEMSDMSFSKDWSFYILAHTEFTPTETDTYAC
RVKHASMAEPKTVYWDRDM
;
B,D
#
loop_
_chem_comp.id
_chem_comp.type
_chem_comp.name
_chem_comp.formula
NAG D-saccharide, beta linking 2-acetamido-2-deoxy-beta-D-glucopyranose 'C8 H15 N O6'
PBS non-polymer (2S,3S,4R)-N-OCTANOYL-1-[(ALPHA-D-GALACTOPYRANOSYL)OXY]-2-AMINO-OCTADECANE-3,4-DIOL 'C32 H63 N O9'
R16 non-polymer HEXADECANE 'C16 H34'
#
# COMPACT_ATOMS: atom_id res chain seq x y z
N TYR A 8 -21.24 8.43 -12.56
CA TYR A 8 -20.20 7.44 -12.08
C TYR A 8 -20.61 6.57 -10.88
N THR A 9 -20.50 5.25 -11.05
CA THR A 9 -20.75 4.32 -9.97
C THR A 9 -19.41 3.80 -9.47
N PHE A 10 -19.25 3.87 -8.16
CA PHE A 10 -18.07 3.35 -7.49
C PHE A 10 -18.48 2.01 -6.97
N ARG A 11 -17.73 0.99 -7.34
CA ARG A 11 -18.00 -0.33 -6.79
C ARG A 11 -16.76 -1.07 -6.30
N CYS A 12 -16.83 -1.49 -5.03
CA CYS A 12 -15.90 -2.48 -4.44
C CYS A 12 -16.58 -3.85 -4.63
N LEU A 13 -15.80 -4.73 -5.24
CA LEU A 13 -16.23 -6.03 -5.70
C LEU A 13 -15.32 -7.05 -5.05
N GLN A 14 -15.92 -7.87 -4.19
CA GLN A 14 -15.22 -8.91 -3.44
C GLN A 14 -15.72 -10.27 -3.88
N MET A 15 -14.78 -11.19 -4.10
CA MET A 15 -15.14 -12.55 -4.54
C MET A 15 -14.53 -13.54 -3.57
N SER A 16 -15.39 -14.36 -2.95
CA SER A 16 -14.89 -15.35 -1.97
C SER A 16 -15.28 -16.79 -2.30
N SER A 17 -14.26 -17.64 -2.23
CA SER A 17 -14.38 -19.06 -2.51
C SER A 17 -14.04 -19.85 -1.27
N PHE A 18 -14.99 -20.65 -0.81
CA PHE A 18 -14.82 -21.58 0.32
C PHE A 18 -14.98 -22.99 -0.22
N ALA A 19 -13.87 -23.72 -0.34
CA ALA A 19 -13.87 -25.09 -0.84
C ALA A 19 -14.18 -26.19 0.20
N ASN A 20 -13.76 -25.94 1.44
CA ASN A 20 -14.02 -26.84 2.57
C ASN A 20 -13.74 -26.07 3.86
N ARG A 21 -13.82 -26.75 5.00
CA ARG A 21 -13.67 -26.12 6.30
C ARG A 21 -12.31 -25.43 6.50
N SER A 22 -11.37 -25.75 5.63
CA SER A 22 -9.97 -25.32 5.85
C SER A 22 -9.21 -24.70 4.65
N TRP A 23 -9.85 -24.59 3.49
CA TRP A 23 -9.23 -23.93 2.33
C TRP A 23 -10.19 -22.83 1.94
N SER A 24 -9.66 -21.61 1.83
CA SER A 24 -10.44 -20.44 1.42
C SER A 24 -9.62 -19.26 0.89
N ARG A 25 -10.15 -18.62 -0.15
CA ARG A 25 -9.53 -17.41 -0.67
C ARG A 25 -10.59 -16.33 -0.92
N THR A 26 -10.15 -15.09 -0.74
CA THR A 26 -10.93 -13.92 -1.10
C THR A 26 -10.12 -12.85 -1.81
N ASP A 27 -10.74 -12.31 -2.85
CA ASP A 27 -10.09 -11.33 -3.73
C ASP A 27 -11.08 -10.19 -4.03
N SER A 28 -10.55 -8.99 -4.11
CA SER A 28 -11.30 -7.76 -4.39
C SER A 28 -10.68 -6.96 -5.53
N VAL A 29 -11.59 -6.37 -6.27
CA VAL A 29 -11.26 -5.46 -7.34
C VAL A 29 -12.22 -4.26 -7.15
N VAL A 30 -11.68 -3.05 -7.31
CA VAL A 30 -12.49 -1.83 -7.23
C VAL A 30 -12.51 -1.01 -8.54
N TRP A 31 -13.70 -0.52 -8.90
CA TRP A 31 -13.98 0.23 -10.14
C TRP A 31 -14.62 1.60 -9.91
N LEU A 32 -14.22 2.58 -10.71
CA LEU A 32 -14.90 3.87 -10.74
C LEU A 32 -15.34 3.98 -12.19
N GLY A 33 -16.64 4.08 -12.43
CA GLY A 33 -17.14 4.01 -13.79
C GLY A 33 -16.46 2.76 -14.28
N ASP A 34 -15.88 2.81 -15.45
CA ASP A 34 -15.32 1.61 -16.01
C ASP A 34 -13.81 1.54 -15.92
N LEU A 35 -13.22 2.31 -14.99
CA LEU A 35 -11.78 2.24 -14.76
C LEU A 35 -11.43 1.56 -13.42
N GLN A 36 -10.65 0.47 -13.48
CA GLN A 36 -10.16 -0.19 -12.25
C GLN A 36 -9.19 0.64 -11.47
N THR A 37 -9.49 0.84 -10.19
CA THR A 37 -8.65 1.67 -9.36
C THR A 37 -7.79 0.91 -8.36
N HIS A 38 -8.31 -0.21 -7.86
CA HIS A 38 -7.54 -1.02 -6.92
C HIS A 38 -7.78 -2.52 -7.11
N ARG A 39 -6.87 -3.25 -6.48
CA ARG A 39 -6.87 -4.71 -6.49
C ARG A 39 -6.30 -5.15 -5.14
N TRP A 40 -6.87 -6.21 -4.61
CA TRP A 40 -6.38 -6.87 -3.40
C TRP A 40 -6.44 -8.40 -3.61
N SER A 41 -5.29 -9.04 -3.80
CA SER A 41 -5.32 -10.52 -3.92
C SER A 41 -5.19 -11.21 -2.55
N ASN A 42 -5.70 -12.42 -2.42
CA ASN A 42 -5.57 -13.18 -1.18
C ASN A 42 -4.14 -13.24 -0.65
N ASP A 43 -3.17 -13.39 -1.55
CA ASP A 43 -1.77 -13.56 -1.16
C ASP A 43 -1.05 -12.27 -0.75
N SER A 44 -1.70 -11.13 -0.95
CA SER A 44 -1.15 -9.84 -0.55
C SER A 44 -1.81 -9.28 0.73
N ALA A 45 -0.96 -8.81 1.62
CA ALA A 45 -1.34 -8.23 2.91
C ALA A 45 -1.96 -6.85 2.74
N THR A 46 -1.65 -6.22 1.61
CA THR A 46 -1.99 -4.84 1.29
C THR A 46 -2.75 -4.71 -0.01
N ILE A 47 -3.68 -3.76 -0.06
CA ILE A 47 -4.38 -3.35 -1.26
C ILE A 47 -3.37 -2.72 -2.22
N SER A 48 -3.48 -3.04 -3.52
CA SER A 48 -2.68 -2.38 -4.55
C SER A 48 -3.51 -1.32 -5.31
N PHE A 49 -2.89 -0.16 -5.53
CA PHE A 49 -3.46 0.89 -6.40
C PHE A 49 -3.18 0.50 -7.82
N THR A 50 -4.19 0.59 -8.71
CA THR A 50 -3.97 0.35 -10.13
C THR A 50 -4.12 1.61 -10.92
N LYS A 51 -3.86 2.78 -10.31
CA LYS A 51 -4.00 4.02 -10.98
C LYS A 51 -3.11 5.01 -10.20
N PRO A 52 -2.45 5.89 -10.91
CA PRO A 52 -1.65 6.96 -10.22
C PRO A 52 -2.44 7.56 -9.05
N TRP A 53 -3.73 7.89 -9.31
CA TRP A 53 -4.62 8.58 -8.37
C TRP A 53 -5.54 7.71 -7.48
N SER A 54 -5.29 6.40 -7.39
CA SER A 54 -6.13 5.49 -6.56
C SER A 54 -6.25 5.85 -5.06
N GLN A 55 -5.27 6.56 -4.50
CA GLN A 55 -5.34 7.00 -3.07
C GLN A 55 -6.29 8.18 -2.90
N GLY A 56 -6.79 8.72 -4.03
CA GLY A 56 -7.64 9.91 -4.04
C GLY A 56 -6.96 11.12 -3.41
N LYS A 57 -7.73 11.94 -2.69
CA LYS A 57 -7.16 13.08 -1.98
C LYS A 57 -6.92 12.69 -0.53
N LEU A 58 -6.67 11.39 -0.28
CA LEU A 58 -6.40 10.95 1.10
C LEU A 58 -4.93 10.95 1.52
N SER A 59 -4.70 11.37 2.77
CA SER A 59 -3.38 11.39 3.34
C SER A 59 -2.82 10.00 3.45
N ASN A 60 -1.50 9.90 3.50
CA ASN A 60 -0.88 8.62 3.73
C ASN A 60 -1.44 7.99 5.02
N GLN A 61 -1.73 8.79 6.05
CA GLN A 61 -2.33 8.22 7.26
C GLN A 61 -3.81 7.90 7.08
N GLN A 62 -4.49 8.69 6.26
CA GLN A 62 -5.90 8.46 5.98
C GLN A 62 -5.96 7.12 5.26
N TRP A 63 -4.98 6.86 4.40
CA TRP A 63 -4.92 5.59 3.71
C TRP A 63 -4.50 4.45 4.67
N GLU A 64 -3.47 4.66 5.51
CA GLU A 64 -3.06 3.66 6.52
C GLU A 64 -4.29 3.18 7.30
N LYS A 65 -4.92 4.07 8.06
CA LYS A 65 -6.12 3.74 8.87
C LYS A 65 -7.16 2.91 8.19
N LEU A 66 -7.50 3.34 6.97
CA LEU A 66 -8.60 2.75 6.24
C LEU A 66 -8.20 1.37 5.74
N GLN A 67 -6.95 1.24 5.34
CA GLN A 67 -6.46 -0.02 4.87
C GLN A 67 -6.63 -1.03 5.98
N HIS A 68 -6.24 -0.62 7.21
CA HIS A 68 -6.25 -1.45 8.42
C HIS A 68 -7.64 -1.96 8.75
N MET A 69 -8.63 -1.08 8.65
CA MET A 69 -10.00 -1.45 8.79
C MET A 69 -10.35 -2.64 7.88
N PHE A 70 -9.85 -2.60 6.65
CA PHE A 70 -10.11 -3.63 5.66
C PHE A 70 -9.33 -4.91 5.90
N GLN A 71 -8.07 -4.76 6.34
CA GLN A 71 -7.24 -5.91 6.72
C GLN A 71 -7.91 -6.70 7.85
N VAL A 72 -8.40 -6.00 8.86
CA VAL A 72 -9.12 -6.62 9.97
C VAL A 72 -10.37 -7.28 9.47
N TYR A 73 -11.14 -6.56 8.66
CA TYR A 73 -12.40 -7.05 8.09
C TYR A 73 -12.21 -8.34 7.28
N ARG A 74 -11.24 -8.37 6.37
CA ARG A 74 -10.94 -9.55 5.55
C ARG A 74 -10.76 -10.84 6.39
N VAL A 75 -10.02 -10.74 7.48
CA VAL A 75 -9.86 -11.85 8.44
C VAL A 75 -11.18 -12.20 9.14
N SER A 76 -11.92 -11.18 9.59
CA SER A 76 -13.15 -11.38 10.36
C SER A 76 -14.28 -11.99 9.50
N PHE A 77 -14.28 -11.68 8.19
CA PHE A 77 -15.27 -12.17 7.23
C PHE A 77 -14.99 -13.64 7.01
N THR A 78 -13.73 -13.99 6.72
CA THR A 78 -13.34 -15.42 6.52
C THR A 78 -13.83 -16.30 7.67
N ARG A 79 -13.60 -15.88 8.91
CA ARG A 79 -13.94 -16.73 10.04
C ARG A 79 -15.44 -16.77 10.35
N ASP A 80 -16.13 -15.64 10.20
CA ASP A 80 -17.56 -15.58 10.48
C ASP A 80 -18.37 -16.45 9.51
N ILE A 81 -18.04 -16.42 8.21
CA ILE A 81 -18.71 -17.26 7.20
C ILE A 81 -18.55 -18.74 7.52
N GLN A 82 -17.34 -19.11 7.93
CA GLN A 82 -17.06 -20.48 8.28
C GLN A 82 -17.99 -20.93 9.41
N GLU A 83 -18.13 -20.08 10.43
CA GLU A 83 -19.09 -20.31 11.51
C GLU A 83 -20.53 -20.37 11.01
N LEU A 84 -20.98 -19.34 10.31
CA LEU A 84 -22.36 -19.24 9.82
C LEU A 84 -22.75 -20.27 8.77
N VAL A 85 -21.78 -20.80 8.04
CA VAL A 85 -22.02 -21.87 7.09
C VAL A 85 -22.52 -23.17 7.75
N LYS A 86 -22.13 -23.45 9.00
CA LYS A 86 -22.60 -24.63 9.75
C LYS A 86 -24.12 -24.68 9.89
N MET A 87 -24.73 -23.50 9.90
CA MET A 87 -26.18 -23.35 10.02
C MET A 87 -26.90 -23.56 8.69
N MET A 88 -26.17 -23.97 7.67
CA MET A 88 -26.72 -24.15 6.33
C MET A 88 -27.75 -25.28 6.29
N SER A 89 -28.81 -25.10 5.50
CA SER A 89 -29.90 -26.10 5.33
C SER A 89 -29.42 -27.50 4.86
N PRO A 90 -30.33 -28.42 4.52
CA PRO A 90 -30.02 -29.83 4.65
C PRO A 90 -28.65 -30.10 5.28
N LYS A 91 -27.56 -30.06 4.52
CA LYS A 91 -26.26 -30.24 5.12
C LYS A 91 -25.33 -29.13 4.63
N GLU A 92 -24.33 -28.81 5.47
CA GLU A 92 -23.28 -27.82 5.19
C GLU A 92 -22.65 -28.09 3.80
N ASP A 93 -23.35 -27.70 2.73
CA ASP A 93 -22.98 -28.04 1.34
C ASP A 93 -21.67 -27.43 0.84
N TYR A 94 -20.87 -28.19 0.12
CA TYR A 94 -19.67 -27.53 -0.34
C TYR A 94 -19.60 -26.78 -1.65
N PRO A 95 -18.45 -26.73 -2.32
CA PRO A 95 -17.99 -25.43 -2.83
C PRO A 95 -18.97 -24.30 -2.47
N ILE A 96 -18.50 -23.32 -1.70
CA ILE A 96 -19.36 -22.18 -1.43
C ILE A 96 -18.74 -20.96 -2.06
N GLU A 97 -19.58 -20.24 -2.79
CA GLU A 97 -19.18 -19.02 -3.48
C GLU A 97 -19.98 -17.85 -2.95
N ILE A 98 -19.27 -16.84 -2.48
CA ILE A 98 -19.87 -15.61 -1.92
C ILE A 98 -19.34 -14.39 -2.64
N GLN A 99 -20.24 -13.45 -2.93
CA GLN A 99 -19.91 -12.25 -3.70
C GLN A 99 -20.54 -11.01 -3.06
N LEU A 100 -19.73 -9.98 -2.91
CA LEU A 100 -20.17 -8.68 -2.44
C LEU A 100 -19.85 -7.54 -3.38
N SER A 101 -20.87 -6.73 -3.58
CA SER A 101 -20.85 -5.53 -4.35
C SER A 101 -21.21 -4.35 -3.42
N ALA A 102 -20.23 -3.53 -3.10
CA ALA A 102 -20.45 -2.40 -2.19
C ALA A 102 -19.89 -1.12 -2.80
N GLY A 103 -20.46 0.04 -2.46
CA GLY A 103 -20.02 1.33 -3.02
C GLY A 103 -21.10 2.40 -3.04
N CYS A 104 -20.97 3.36 -3.93
CA CYS A 104 -21.91 4.47 -4.04
C CYS A 104 -22.13 4.90 -5.50
N GLU A 105 -23.36 5.31 -5.80
CA GLU A 105 -23.76 5.82 -7.11
C GLU A 105 -23.75 7.34 -6.97
N MET A 106 -22.71 7.96 -7.53
CA MET A 106 -22.44 9.40 -7.37
C MET A 106 -23.16 10.33 -8.35
N TYR A 107 -24.13 11.09 -7.84
CA TYR A 107 -24.89 12.00 -8.68
C TYR A 107 -24.40 13.44 -8.53
N PRO A 108 -24.68 14.32 -9.51
CA PRO A 108 -24.38 15.75 -9.39
C PRO A 108 -24.86 16.37 -8.08
N SER A 112 -25.50 11.26 -4.09
CA SER A 112 -25.13 9.83 -3.99
C SER A 112 -26.08 8.95 -3.18
N GLU A 113 -26.13 7.67 -3.56
CA GLU A 113 -26.91 6.64 -2.91
C GLU A 113 -25.93 5.48 -2.77
N SER A 114 -25.92 4.82 -1.62
CA SER A 114 -24.99 3.72 -1.42
C SER A 114 -25.65 2.36 -1.48
N PHE A 115 -24.83 1.34 -1.59
CA PHE A 115 -25.33 -0.03 -1.74
C PHE A 115 -24.34 -1.01 -1.17
N LEU A 116 -24.84 -2.17 -0.75
CA LEU A 116 -24.02 -3.27 -0.27
C LEU A 116 -24.85 -4.53 -0.48
N HIS A 117 -24.56 -5.25 -1.57
CA HIS A 117 -25.32 -6.45 -1.92
C HIS A 117 -24.45 -7.68 -1.80
N VAL A 118 -25.10 -8.79 -1.44
CA VAL A 118 -24.43 -10.06 -1.21
C VAL A 118 -25.09 -11.18 -1.97
N ALA A 119 -24.25 -11.90 -2.71
CA ALA A 119 -24.71 -13.11 -3.40
C ALA A 119 -24.06 -14.33 -2.79
N PHE A 120 -24.84 -15.40 -2.77
CA PHE A 120 -24.45 -16.72 -2.29
C PHE A 120 -24.81 -17.77 -3.37
N GLN A 121 -23.81 -18.52 -3.82
CA GLN A 121 -23.98 -19.50 -4.90
C GLN A 121 -24.47 -18.81 -6.19
N GLY A 122 -23.99 -17.60 -6.40
CA GLY A 122 -24.30 -16.81 -7.58
C GLY A 122 -25.63 -16.06 -7.62
N LYS A 123 -26.36 -16.05 -6.49
CA LYS A 123 -27.70 -15.44 -6.40
C LYS A 123 -27.79 -14.40 -5.26
N TYR A 124 -28.50 -13.31 -5.51
CA TYR A 124 -28.56 -12.17 -4.59
C TYR A 124 -29.48 -12.55 -3.46
N VAL A 125 -28.91 -12.62 -2.25
CA VAL A 125 -29.68 -13.08 -1.08
C VAL A 125 -29.78 -12.06 0.05
N VAL A 126 -28.74 -11.27 0.21
CA VAL A 126 -28.61 -10.34 1.34
C VAL A 126 -28.20 -8.95 0.89
N ARG A 127 -28.73 -7.94 1.59
CA ARG A 127 -28.36 -6.51 1.44
C ARG A 127 -28.15 -5.89 2.87
N PHE A 128 -27.35 -4.84 3.01
CA PHE A 128 -27.39 -4.02 4.20
C PHE A 128 -28.33 -2.91 3.78
N TRP A 129 -29.25 -2.52 4.65
CA TRP A 129 -30.24 -1.52 4.25
C TRP A 129 -30.54 -0.66 5.45
N GLY A 130 -30.09 0.60 5.40
CA GLY A 130 -30.33 1.52 6.51
C GLY A 130 -29.43 1.32 7.69
N THR A 131 -29.84 0.45 8.63
CA THR A 131 -29.09 0.26 9.86
C THR A 131 -28.84 -1.20 10.20
N SER A 132 -29.22 -2.09 9.29
CA SER A 132 -29.12 -3.53 9.49
C SER A 132 -29.07 -4.38 8.21
N TRP A 133 -28.62 -5.62 8.39
CA TRP A 133 -28.65 -6.63 7.35
C TRP A 133 -30.06 -7.12 7.19
N GLN A 134 -30.48 -7.34 5.96
CA GLN A 134 -31.78 -7.96 5.75
C GLN A 134 -31.72 -8.96 4.62
N THR A 135 -32.52 -10.03 4.72
CA THR A 135 -32.58 -10.94 3.57
C THR A 135 -33.53 -10.37 2.50
N VAL A 136 -33.27 -10.81 1.29
CA VAL A 136 -33.98 -10.37 0.12
C VAL A 136 -35.16 -11.37 -0.11
N PRO A 137 -36.25 -10.92 -0.72
CA PRO A 137 -37.40 -11.82 -0.91
C PRO A 137 -37.03 -13.08 -1.72
N GLY A 138 -37.48 -14.23 -1.23
CA GLY A 138 -37.18 -15.50 -1.88
C GLY A 138 -35.77 -16.03 -1.65
N ALA A 139 -35.00 -15.40 -0.76
CA ALA A 139 -33.72 -15.99 -0.33
C ALA A 139 -33.99 -17.26 0.53
N PRO A 140 -33.03 -18.18 0.61
CA PRO A 140 -33.19 -19.42 1.38
C PRO A 140 -33.48 -19.07 2.84
N SER A 141 -34.48 -19.72 3.41
CA SER A 141 -34.89 -19.39 4.75
C SER A 141 -33.86 -19.72 5.83
N TRP A 142 -32.94 -20.63 5.52
CA TRP A 142 -31.89 -20.96 6.45
C TRP A 142 -31.03 -19.75 6.76
N LEU A 143 -31.19 -18.67 5.98
CA LEU A 143 -30.37 -17.45 6.09
C LEU A 143 -30.88 -16.52 7.16
N ASP A 144 -32.17 -16.63 7.49
CA ASP A 144 -32.78 -15.79 8.50
C ASP A 144 -32.02 -15.75 9.86
N LEU A 145 -31.70 -16.91 10.43
CA LEU A 145 -30.95 -16.95 11.69
C LEU A 145 -29.51 -16.39 11.60
N PRO A 146 -28.71 -16.79 10.60
CA PRO A 146 -27.39 -16.19 10.40
C PRO A 146 -27.50 -14.68 10.34
N ILE A 147 -28.52 -14.15 9.68
CA ILE A 147 -28.64 -12.69 9.66
C ILE A 147 -29.15 -12.09 10.98
N LYS A 148 -29.87 -12.87 11.81
CA LYS A 148 -30.20 -12.46 13.17
C LYS A 148 -28.91 -12.29 14.03
N VAL A 149 -28.03 -13.28 14.00
CA VAL A 149 -26.79 -13.26 14.74
C VAL A 149 -25.97 -12.01 14.40
N LEU A 150 -25.90 -11.71 13.10
CA LEU A 150 -25.14 -10.61 12.55
C LEU A 150 -25.72 -9.25 12.97
N ASN A 151 -27.05 -9.15 13.02
CA ASN A 151 -27.76 -7.94 13.41
C ASN A 151 -27.71 -7.64 14.90
N ALA A 152 -27.15 -8.58 15.67
CA ALA A 152 -26.91 -8.39 17.08
C ALA A 152 -25.59 -7.61 17.29
N ASP A 153 -24.75 -7.51 16.26
CA ASP A 153 -23.44 -6.80 16.35
C ASP A 153 -23.64 -5.30 16.04
N GLN A 154 -23.80 -4.53 17.10
CA GLN A 154 -24.08 -3.12 17.02
C GLN A 154 -22.89 -2.31 16.55
N GLY A 155 -21.68 -2.77 16.83
CA GLY A 155 -20.47 -2.05 16.46
C GLY A 155 -20.26 -2.09 14.95
N THR A 156 -20.39 -3.28 14.40
CA THR A 156 -20.24 -3.52 12.98
C THR A 156 -21.28 -2.73 12.20
N SER A 157 -22.50 -2.70 12.72
CA SER A 157 -23.61 -2.01 12.09
C SER A 157 -23.33 -0.52 12.00
N ALA A 158 -22.74 0.02 13.06
CA ALA A 158 -22.38 1.41 13.09
C ALA A 158 -21.22 1.68 12.11
N THR A 159 -20.29 0.73 12.03
CA THR A 159 -19.13 0.89 11.20
C THR A 159 -19.52 0.84 9.74
N VAL A 160 -20.50 0.00 9.41
CA VAL A 160 -20.98 -0.15 8.07
C VAL A 160 -21.78 1.08 7.64
N GLN A 161 -22.53 1.65 8.59
CA GLN A 161 -23.27 2.89 8.31
C GLN A 161 -22.32 4.04 8.00
N MET A 162 -21.21 4.12 8.72
CA MET A 162 -20.19 5.15 8.51
C MET A 162 -19.50 4.96 7.15
N LEU A 163 -19.23 3.73 6.75
CA LEU A 163 -18.58 3.47 5.48
C LEU A 163 -19.46 3.79 4.27
N LEU A 164 -20.73 3.39 4.34
CA LEU A 164 -21.69 3.63 3.29
C LEU A 164 -22.14 5.09 3.22
N ASN A 165 -22.70 5.60 4.32
CA ASN A 165 -23.22 6.95 4.35
C ASN A 165 -22.15 8.03 4.25
N ASP A 166 -20.97 7.78 4.78
CA ASP A 166 -19.98 8.86 4.94
C ASP A 166 -18.63 8.65 4.30
N THR A 167 -17.99 7.53 4.59
CA THR A 167 -16.63 7.24 4.08
C THR A 167 -16.58 7.11 2.55
N CYS A 168 -17.44 6.26 2.00
CA CYS A 168 -17.53 6.02 0.54
C CYS A 168 -17.73 7.32 -0.27
N PRO A 169 -18.81 8.06 -0.06
CA PRO A 169 -19.03 9.31 -0.82
C PRO A 169 -17.86 10.29 -0.73
N LEU A 170 -17.29 10.48 0.46
CA LEU A 170 -16.16 11.40 0.65
C LEU A 170 -14.93 11.00 -0.16
N PHE A 171 -14.57 9.71 -0.09
CA PHE A 171 -13.41 9.18 -0.76
C PHE A 171 -13.58 9.31 -2.28
N VAL A 172 -14.67 8.74 -2.81
CA VAL A 172 -15.00 8.81 -4.23
C VAL A 172 -14.87 10.24 -4.77
N ARG A 173 -15.38 11.21 -4.00
CA ARG A 173 -15.28 12.63 -4.34
C ARG A 173 -13.78 13.00 -4.48
N GLY A 174 -12.93 12.46 -3.62
CA GLY A 174 -11.50 12.67 -3.73
C GLY A 174 -10.90 11.97 -4.93
N LEU A 175 -11.44 10.82 -5.29
CA LEU A 175 -11.02 10.08 -6.49
C LEU A 175 -11.34 10.84 -7.76
N LEU A 176 -12.57 11.36 -7.86
CA LEU A 176 -13.04 12.14 -9.02
C LEU A 176 -12.20 13.39 -9.30
N GLU A 177 -11.76 14.05 -8.25
CA GLU A 177 -10.94 15.23 -8.39
C GLU A 177 -9.57 14.80 -8.87
N ALA A 178 -9.05 13.72 -8.28
CA ALA A 178 -7.69 13.32 -8.59
C ALA A 178 -7.50 12.69 -9.98
N GLY A 179 -8.49 11.91 -10.44
CA GLY A 179 -8.41 11.31 -11.76
C GLY A 179 -9.31 11.96 -12.78
N LYS A 180 -9.46 13.28 -12.71
CA LYS A 180 -10.31 14.02 -13.65
C LYS A 180 -9.75 13.91 -15.07
N SER A 181 -8.44 14.01 -15.16
CA SER A 181 -7.77 13.98 -16.45
C SER A 181 -7.79 12.59 -17.07
N ASP A 182 -7.97 11.57 -16.26
CA ASP A 182 -8.12 10.21 -16.78
C ASP A 182 -9.56 9.85 -17.10
N LEU A 183 -10.51 10.33 -16.29
CA LEU A 183 -11.91 10.03 -16.53
C LEU A 183 -12.44 10.89 -17.63
N GLU A 184 -11.76 12.02 -17.86
CA GLU A 184 -12.09 12.95 -18.93
C GLU A 184 -11.33 12.65 -20.24
N LYS A 185 -10.38 11.72 -20.22
CA LYS A 185 -9.57 11.40 -21.42
C LYS A 185 -10.50 11.07 -22.59
N GLN A 186 -10.07 11.45 -23.78
CA GLN A 186 -10.86 11.29 -24.98
C GLN A 186 -10.00 10.52 -25.94
N GLU A 187 -10.49 9.36 -26.37
CA GLU A 187 -9.75 8.47 -27.24
C GLU A 187 -10.55 8.14 -28.52
N LYS A 188 -9.89 8.14 -29.68
CA LYS A 188 -10.59 8.10 -30.97
C LYS A 188 -10.77 6.72 -31.50
N PRO A 189 -11.99 6.41 -31.93
CA PRO A 189 -12.28 5.10 -32.48
C PRO A 189 -11.61 5.01 -33.85
N VAL A 190 -11.20 3.80 -34.24
CA VAL A 190 -10.71 3.51 -35.58
C VAL A 190 -11.70 2.42 -36.05
N ALA A 191 -12.20 2.53 -37.27
CA ALA A 191 -13.21 1.60 -37.79
C ALA A 191 -12.70 0.88 -39.01
N TRP A 192 -13.25 -0.28 -39.26
CA TRP A 192 -12.88 -0.97 -40.44
C TRP A 192 -14.06 -1.84 -40.79
N LEU A 193 -14.17 -2.21 -42.05
CA LEU A 193 -15.30 -2.98 -42.56
C LEU A 193 -14.91 -4.39 -42.96
N SER A 194 -15.88 -5.28 -42.86
CA SER A 194 -15.74 -6.64 -43.35
C SER A 194 -17.11 -7.24 -43.66
N SER A 195 -17.12 -8.45 -44.19
CA SER A 195 -18.36 -9.14 -44.40
C SER A 195 -18.16 -10.60 -44.26
N VAL A 196 -19.28 -11.28 -44.01
CA VAL A 196 -19.34 -12.72 -43.89
C VAL A 196 -20.48 -13.29 -44.78
N PRO A 197 -20.20 -14.41 -45.44
CA PRO A 197 -21.17 -15.15 -46.25
C PRO A 197 -22.49 -15.55 -45.54
N GLY A 202 -27.99 -16.19 -51.45
CA GLY A 202 -26.70 -15.50 -51.25
C GLY A 202 -26.73 -14.22 -50.42
N HIS A 203 -27.12 -14.33 -49.15
CA HIS A 203 -27.21 -13.15 -48.30
C HIS A 203 -25.89 -13.03 -47.56
N ARG A 204 -25.50 -11.81 -47.19
CA ARG A 204 -24.23 -11.63 -46.46
C ARG A 204 -24.42 -10.75 -45.25
N GLN A 205 -23.47 -10.81 -44.34
CA GLN A 205 -23.57 -9.91 -43.25
C GLN A 205 -22.42 -8.94 -43.32
N LEU A 206 -22.75 -7.68 -43.36
CA LEU A 206 -21.77 -6.63 -43.34
C LEU A 206 -21.42 -6.26 -41.88
N VAL A 207 -20.13 -6.18 -41.57
CA VAL A 207 -19.67 -5.87 -40.22
C VAL A 207 -18.79 -4.60 -40.13
N CYS A 208 -19.22 -3.65 -39.32
CA CYS A 208 -18.45 -2.49 -39.11
C CYS A 208 -17.82 -2.62 -37.74
N HIS A 209 -16.48 -2.75 -37.68
CA HIS A 209 -15.77 -2.90 -36.41
C HIS A 209 -15.29 -1.52 -35.98
N VAL A 210 -15.40 -1.21 -34.69
CA VAL A 210 -15.08 0.12 -34.16
C VAL A 210 -14.31 -0.08 -32.87
N SER A 211 -13.04 0.29 -32.86
CA SER A 211 -12.24 0.00 -31.69
C SER A 211 -11.28 1.06 -31.25
N GLY A 212 -11.00 1.05 -29.95
CA GLY A 212 -10.00 1.91 -29.38
C GLY A 212 -10.53 3.23 -28.86
N PHE A 213 -11.85 3.34 -28.76
CA PHE A 213 -12.51 4.57 -28.29
C PHE A 213 -12.76 4.72 -26.77
N TYR A 214 -12.82 5.99 -26.29
CA TYR A 214 -13.11 6.29 -24.91
C TYR A 214 -13.49 7.82 -24.75
N PRO A 215 -14.50 8.16 -23.95
CA PRO A 215 -15.29 7.22 -23.14
C PRO A 215 -16.21 6.23 -23.90
N LYS A 216 -16.91 5.38 -23.15
CA LYS A 216 -17.80 4.35 -23.71
C LYS A 216 -18.92 4.82 -24.70
N PRO A 217 -19.67 5.89 -24.42
CA PRO A 217 -20.76 6.30 -25.32
C PRO A 217 -20.38 6.48 -26.81
N VAL A 218 -21.07 5.75 -27.68
CA VAL A 218 -20.80 5.79 -29.12
C VAL A 218 -22.02 5.52 -30.00
N TRP A 219 -21.93 5.98 -31.24
CA TRP A 219 -22.98 5.87 -32.23
C TRP A 219 -22.40 5.30 -33.50
N VAL A 220 -22.88 4.13 -33.89
CA VAL A 220 -22.45 3.45 -35.11
C VAL A 220 -23.74 3.06 -35.80
N MET A 221 -23.76 3.15 -37.13
CA MET A 221 -24.94 2.85 -37.94
C MET A 221 -24.60 2.64 -39.42
N TRP A 222 -25.19 1.62 -40.04
CA TRP A 222 -25.09 1.49 -41.50
C TRP A 222 -26.06 2.52 -42.10
N MET A 223 -25.62 3.17 -43.18
CA MET A 223 -26.34 4.26 -43.83
C MET A 223 -26.43 4.02 -45.33
N ARG A 224 -27.51 4.50 -45.92
CA ARG A 224 -27.68 4.47 -47.34
C ARG A 224 -27.99 5.90 -47.69
N GLY A 225 -26.93 6.70 -47.86
CA GLY A 225 -27.07 8.14 -47.99
C GLY A 225 -27.29 8.66 -46.59
N ASP A 226 -28.41 9.36 -46.40
CA ASP A 226 -28.82 9.84 -45.08
C ASP A 226 -29.92 8.96 -44.48
N GLN A 227 -30.12 7.78 -45.05
CA GLN A 227 -31.11 6.83 -44.54
C GLN A 227 -30.38 5.92 -43.59
N GLU A 228 -30.67 6.07 -42.28
CA GLU A 228 -30.17 5.18 -41.25
C GLU A 228 -30.78 3.84 -41.57
N GLN A 229 -29.94 2.80 -41.60
CA GLN A 229 -30.48 1.46 -41.87
C GLN A 229 -30.95 0.81 -40.58
N GLN A 230 -32.27 0.83 -40.38
CA GLN A 230 -32.87 0.11 -39.26
C GLN A 230 -32.51 -1.35 -39.53
N GLY A 231 -32.21 -2.13 -38.52
CA GLY A 231 -31.77 -3.48 -38.84
C GLY A 231 -30.27 -3.58 -38.69
N THR A 232 -29.64 -2.42 -38.53
CA THR A 232 -28.29 -2.35 -38.05
C THR A 232 -28.41 -2.93 -36.63
N HIS A 233 -27.64 -3.98 -36.36
CA HIS A 233 -27.60 -4.62 -35.06
C HIS A 233 -26.26 -4.34 -34.35
N ARG A 234 -26.32 -3.68 -33.18
CA ARG A 234 -25.14 -3.39 -32.36
C ARG A 234 -24.71 -4.58 -31.54
N GLY A 235 -23.41 -4.86 -31.55
CA GLY A 235 -22.87 -5.91 -30.68
C GLY A 235 -22.78 -5.38 -29.26
N ASP A 236 -22.14 -6.13 -28.36
CA ASP A 236 -21.87 -5.67 -27.02
C ASP A 236 -20.54 -4.90 -26.98
N PHE A 237 -20.39 -4.09 -25.94
CA PHE A 237 -19.13 -3.43 -25.71
C PHE A 237 -18.13 -4.44 -25.20
N LEU A 238 -16.99 -4.54 -25.87
CA LEU A 238 -15.96 -5.45 -25.47
C LEU A 238 -14.74 -4.64 -25.06
N PRO A 239 -14.15 -4.95 -23.92
CA PRO A 239 -13.03 -4.17 -23.45
C PRO A 239 -11.80 -4.48 -24.30
N ASN A 240 -10.93 -3.48 -24.38
CA ASN A 240 -9.55 -3.67 -24.81
C ASN A 240 -8.64 -3.52 -23.57
N ALA A 241 -7.46 -4.12 -23.59
CA ALA A 241 -6.47 -4.07 -22.51
C ALA A 241 -6.12 -2.66 -22.01
N ASP A 242 -6.12 -1.68 -22.91
CA ASP A 242 -5.70 -0.29 -22.55
C ASP A 242 -6.88 0.55 -22.14
N GLU A 243 -7.97 -0.10 -21.76
CA GLU A 243 -9.19 0.56 -21.26
C GLU A 243 -9.85 1.47 -22.31
N THR A 244 -9.87 1.01 -23.55
CA THR A 244 -10.61 1.62 -24.63
C THR A 244 -11.67 0.57 -24.94
N TRP A 245 -12.68 0.91 -25.74
CA TRP A 245 -13.68 -0.12 -26.05
C TRP A 245 -13.62 -0.66 -27.48
N TYR A 246 -14.40 -1.69 -27.73
CA TYR A 246 -14.51 -2.23 -29.04
C TYR A 246 -15.98 -2.48 -29.17
N LEU A 247 -16.49 -2.32 -30.39
CA LEU A 247 -17.89 -2.50 -30.66
C LEU A 247 -17.97 -2.79 -32.13
N GLN A 248 -18.85 -3.68 -32.53
CA GLN A 248 -19.12 -3.83 -33.94
C GLN A 248 -20.62 -3.76 -34.18
N ALA A 249 -21.01 -3.30 -35.37
CA ALA A 249 -22.41 -3.25 -35.78
C ALA A 249 -22.57 -3.96 -37.13
N THR A 250 -23.62 -4.75 -37.25
CA THR A 250 -23.81 -5.56 -38.44
C THR A 250 -25.08 -5.27 -39.19
N LEU A 251 -25.10 -5.65 -40.47
CA LEU A 251 -26.29 -5.54 -41.29
C LEU A 251 -26.40 -6.73 -42.23
N ASP A 252 -27.57 -7.37 -42.22
CA ASP A 252 -27.88 -8.45 -43.16
C ASP A 252 -28.23 -7.79 -44.50
N VAL A 253 -27.60 -8.25 -45.57
CA VAL A 253 -27.82 -7.67 -46.90
C VAL A 253 -27.97 -8.76 -47.97
N GLU A 254 -28.86 -8.52 -48.93
CA GLU A 254 -28.98 -9.40 -50.11
C GLU A 254 -27.85 -9.02 -51.09
N ALA A 255 -27.51 -9.91 -52.01
CA ALA A 255 -26.50 -9.60 -53.02
C ALA A 255 -26.98 -8.37 -53.81
N GLY A 256 -26.10 -7.39 -54.01
CA GLY A 256 -26.46 -6.17 -54.75
C GLY A 256 -27.37 -5.25 -53.94
N GLU A 257 -27.22 -5.35 -52.63
CA GLU A 257 -27.85 -4.50 -51.66
C GLU A 257 -26.65 -3.81 -50.99
N GLU A 258 -25.46 -4.34 -51.26
CA GLU A 258 -24.18 -3.86 -50.73
C GLU A 258 -23.76 -2.49 -51.22
N ALA A 259 -23.90 -2.27 -52.52
CA ALA A 259 -23.43 -1.04 -53.15
C ALA A 259 -24.25 0.15 -52.68
N GLY A 260 -23.57 1.21 -52.26
CA GLY A 260 -24.22 2.41 -51.76
C GLY A 260 -24.30 2.50 -50.24
N LEU A 261 -23.78 1.49 -49.55
CA LEU A 261 -23.85 1.47 -48.09
C LEU A 261 -22.57 1.94 -47.42
N ALA A 262 -22.74 2.60 -46.28
CA ALA A 262 -21.64 3.11 -45.49
C ALA A 262 -21.90 2.92 -43.98
N CYS A 263 -20.82 2.93 -43.21
CA CYS A 263 -20.88 2.89 -41.78
C CYS A 263 -20.54 4.28 -41.31
N ARG A 264 -21.35 4.82 -40.42
CA ARG A 264 -21.11 6.16 -39.86
C ARG A 264 -20.85 6.04 -38.37
N VAL A 265 -19.70 6.51 -37.90
CA VAL A 265 -19.46 6.55 -36.46
C VAL A 265 -19.27 7.96 -35.85
N LYS A 266 -20.10 8.26 -34.86
CA LYS A 266 -19.97 9.49 -34.11
C LYS A 266 -19.42 9.15 -32.71
N HIS A 267 -18.48 9.95 -32.23
CA HIS A 267 -17.94 9.82 -30.90
C HIS A 267 -17.52 11.18 -30.39
N SER A 268 -17.57 11.38 -29.08
CA SER A 268 -17.19 12.64 -28.47
C SER A 268 -15.82 13.12 -28.92
N SER A 269 -14.87 12.22 -29.05
CA SER A 269 -13.48 12.59 -29.36
C SER A 269 -13.18 13.05 -30.82
N LEU A 270 -14.14 12.93 -31.73
CA LEU A 270 -13.91 13.22 -33.14
C LEU A 270 -14.15 14.68 -33.53
N GLY A 271 -14.64 15.46 -32.58
CA GLY A 271 -15.06 16.83 -32.88
C GLY A 271 -16.43 16.69 -33.49
N GLY A 272 -16.64 17.31 -34.64
CA GLY A 272 -17.91 17.13 -35.32
C GLY A 272 -17.61 16.43 -36.63
N GLN A 273 -16.67 15.50 -36.57
CA GLN A 273 -16.11 14.92 -37.77
C GLN A 273 -16.21 13.40 -37.71
N ASP A 274 -17.43 12.93 -38.00
CA ASP A 274 -17.77 11.51 -38.02
C ASP A 274 -16.86 10.67 -38.91
N ILE A 275 -16.80 9.37 -38.62
CA ILE A 275 -16.08 8.44 -39.48
C ILE A 275 -17.05 7.81 -40.49
N ILE A 276 -16.80 7.97 -41.79
CA ILE A 276 -17.69 7.35 -42.79
C ILE A 276 -16.86 6.47 -43.69
N LEU A 277 -17.20 5.18 -43.66
CA LEU A 277 -16.48 4.19 -44.44
C LEU A 277 -17.47 3.59 -45.38
N TYR A 278 -17.10 3.53 -46.65
CA TYR A 278 -17.96 3.05 -47.72
C TYR A 278 -17.63 1.63 -48.11
N TRP A 279 -18.65 0.77 -48.11
CA TRP A 279 -18.49 -0.61 -48.53
C TRP A 279 -18.12 -0.72 -50.01
N GLN B 2 -25.34 -22.89 -12.12
CA GLN B 2 -24.08 -22.96 -12.95
C GLN B 2 -24.24 -22.31 -14.36
N LYS B 3 -23.40 -21.29 -14.62
CA LYS B 3 -23.39 -20.50 -15.89
C LYS B 3 -22.26 -20.90 -16.85
N THR B 4 -22.62 -21.15 -18.11
CA THR B 4 -21.67 -21.56 -19.19
C THR B 4 -20.95 -20.37 -19.89
N PRO B 5 -19.62 -20.43 -19.97
CA PRO B 5 -18.82 -19.36 -20.51
C PRO B 5 -19.11 -19.02 -21.97
N GLN B 6 -19.27 -17.73 -22.26
CA GLN B 6 -19.36 -17.23 -23.61
C GLN B 6 -17.94 -16.72 -23.96
N ILE B 7 -17.50 -16.95 -25.20
CA ILE B 7 -16.14 -16.52 -25.61
C ILE B 7 -16.27 -15.66 -26.87
N GLN B 8 -15.58 -14.54 -26.85
CA GLN B 8 -15.51 -13.62 -27.97
C GLN B 8 -14.01 -13.30 -28.19
N VAL B 9 -13.60 -13.30 -29.45
CA VAL B 9 -12.22 -13.15 -29.86
C VAL B 9 -12.13 -12.05 -30.94
N TYR B 10 -11.27 -11.04 -30.72
CA TYR B 10 -11.17 -9.86 -31.57
C TYR B 10 -9.80 -9.15 -31.35
N SER B 11 -9.38 -8.27 -32.27
CA SER B 11 -8.07 -7.52 -32.25
C SER B 11 -8.22 -6.08 -31.70
N ARG B 12 -7.15 -5.45 -31.16
CA ARG B 12 -7.20 -4.01 -30.84
C ARG B 12 -7.33 -3.23 -32.12
N HIS B 13 -6.53 -3.62 -33.10
CA HIS B 13 -6.38 -2.82 -34.31
C HIS B 13 -6.83 -3.55 -35.54
N PRO B 14 -7.14 -2.82 -36.62
CA PRO B 14 -7.49 -3.48 -37.88
C PRO B 14 -6.44 -4.53 -38.19
N PRO B 15 -6.81 -5.80 -38.37
CA PRO B 15 -5.81 -6.81 -38.66
C PRO B 15 -5.26 -6.76 -40.11
N GLU B 16 -3.97 -6.49 -40.26
CA GLU B 16 -3.33 -6.48 -41.56
C GLU B 16 -2.28 -7.57 -41.46
N ASN B 17 -2.16 -8.42 -42.48
CA ASN B 17 -1.13 -9.45 -42.46
C ASN B 17 0.28 -8.84 -42.33
N GLY B 18 1.13 -9.50 -41.55
CA GLY B 18 2.47 -9.00 -41.22
C GLY B 18 2.57 -7.88 -40.19
N LYS B 19 1.46 -7.25 -39.81
CA LYS B 19 1.49 -6.08 -38.91
C LYS B 19 1.15 -6.43 -37.45
N PRO B 20 2.11 -6.23 -36.51
CA PRO B 20 1.92 -6.49 -35.08
C PRO B 20 0.60 -5.96 -34.57
N ASN B 21 -0.15 -6.82 -33.91
CA ASN B 21 -1.45 -6.43 -33.36
C ASN B 21 -1.60 -6.97 -31.90
N ILE B 22 -2.76 -6.80 -31.30
CA ILE B 22 -3.05 -7.45 -30.02
C ILE B 22 -4.32 -8.24 -30.22
N LEU B 23 -4.27 -9.52 -29.88
CA LEU B 23 -5.43 -10.38 -29.91
C LEU B 23 -6.03 -10.49 -28.47
N ASN B 24 -7.37 -10.36 -28.39
CA ASN B 24 -8.16 -10.47 -27.19
C ASN B 24 -9.09 -11.66 -27.16
N CYS B 25 -9.29 -12.18 -25.96
CA CYS B 25 -10.26 -13.20 -25.71
C CYS B 25 -10.99 -12.87 -24.40
N TYR B 26 -12.28 -12.58 -24.55
CA TYR B 26 -13.14 -12.09 -23.49
C TYR B 26 -14.13 -13.22 -23.18
N VAL B 27 -14.06 -13.71 -21.95
CA VAL B 27 -14.87 -14.83 -21.48
C VAL B 27 -15.80 -14.24 -20.42
N THR B 28 -17.10 -14.42 -20.63
CA THR B 28 -18.12 -13.81 -19.77
C THR B 28 -19.16 -14.82 -19.34
N GLN B 29 -20.08 -14.41 -18.48
CA GLN B 29 -21.28 -15.19 -18.21
C GLN B 29 -21.00 -16.50 -17.49
N PHE B 30 -19.89 -16.62 -16.78
CA PHE B 30 -19.58 -17.91 -16.15
C PHE B 30 -19.76 -17.89 -14.63
N HIS B 31 -19.87 -19.07 -14.05
CA HIS B 31 -19.93 -19.31 -12.60
C HIS B 31 -19.76 -20.82 -12.34
N PRO B 32 -18.95 -21.25 -11.36
CA PRO B 32 -18.19 -20.40 -10.42
C PRO B 32 -16.99 -19.71 -11.06
N PRO B 33 -16.31 -18.80 -10.34
CA PRO B 33 -15.17 -18.08 -10.90
C PRO B 33 -13.99 -18.93 -11.34
N HIS B 34 -14.05 -20.23 -11.17
CA HIS B 34 -12.86 -21.01 -11.47
C HIS B 34 -12.80 -21.44 -12.90
N ILE B 35 -11.77 -20.94 -13.60
CA ILE B 35 -11.67 -21.15 -15.02
C ILE B 35 -10.24 -21.26 -15.52
N GLU B 36 -10.10 -21.92 -16.66
CA GLU B 36 -8.82 -21.98 -17.33
C GLU B 36 -8.92 -21.52 -18.78
N ILE B 37 -8.14 -20.50 -19.11
CA ILE B 37 -8.11 -19.93 -20.46
C ILE B 37 -6.71 -20.00 -21.04
N GLN B 38 -6.63 -20.47 -22.28
CA GLN B 38 -5.41 -20.47 -23.04
C GLN B 38 -5.67 -20.01 -24.47
N MET B 39 -4.72 -19.22 -24.98
CA MET B 39 -4.82 -18.70 -26.32
C MET B 39 -3.86 -19.53 -27.13
N LEU B 40 -4.31 -19.90 -28.33
CA LEU B 40 -3.57 -20.84 -29.16
C LEU B 40 -3.10 -20.28 -30.49
N LYS B 41 -1.99 -20.83 -30.98
CA LYS B 41 -1.46 -20.51 -32.30
C LYS B 41 -1.08 -21.82 -32.97
N ASN B 42 -1.78 -22.11 -34.06
CA ASN B 42 -1.60 -23.33 -34.79
C ASN B 42 -1.76 -24.52 -33.87
N GLY B 43 -2.81 -24.47 -33.04
CA GLY B 43 -3.14 -25.53 -32.07
C GLY B 43 -2.21 -25.66 -30.86
N LYS B 44 -1.28 -24.70 -30.72
CA LYS B 44 -0.27 -24.73 -29.67
C LYS B 44 -0.36 -23.48 -28.79
N LYS B 45 -0.45 -23.71 -27.48
CA LYS B 45 -0.48 -22.69 -26.43
C LYS B 45 0.58 -21.57 -26.61
N ILE B 46 0.14 -20.32 -26.56
CA ILE B 46 1.00 -19.14 -26.61
C ILE B 46 1.44 -18.85 -25.15
N PRO B 47 2.72 -18.55 -24.92
CA PRO B 47 3.25 -18.37 -23.57
C PRO B 47 3.07 -16.98 -22.91
N LYS B 48 3.10 -15.91 -23.71
CA LYS B 48 3.03 -14.58 -23.11
C LYS B 48 1.61 -13.98 -23.06
N VAL B 49 0.65 -14.75 -22.52
CA VAL B 49 -0.77 -14.31 -22.45
C VAL B 49 -1.06 -13.59 -21.12
N GLU B 50 -1.27 -12.27 -21.15
CA GLU B 50 -1.64 -11.54 -19.93
C GLU B 50 -3.12 -11.67 -19.67
N MET B 51 -3.50 -11.64 -18.40
CA MET B 51 -4.89 -11.68 -18.01
C MET B 51 -5.39 -10.60 -17.05
N SER B 52 -6.64 -10.19 -17.22
CA SER B 52 -7.14 -9.18 -16.32
C SER B 52 -7.45 -9.83 -14.98
N ASP B 53 -7.68 -9.02 -13.95
CA ASP B 53 -8.19 -9.58 -12.72
C ASP B 53 -9.58 -10.12 -13.00
N MET B 54 -9.96 -11.17 -12.27
CA MET B 54 -11.27 -11.70 -12.32
C MET B 54 -12.11 -10.59 -11.75
N SER B 55 -13.18 -10.24 -12.45
CA SER B 55 -14.15 -9.29 -11.95
C SER B 55 -15.49 -9.97 -12.17
N PHE B 56 -16.58 -9.34 -11.73
CA PHE B 56 -17.97 -9.82 -12.00
C PHE B 56 -18.91 -8.66 -12.41
N SER B 57 -20.08 -8.99 -12.94
CA SER B 57 -20.95 -8.00 -13.54
C SER B 57 -22.13 -7.67 -12.69
N LYS B 58 -22.94 -6.73 -13.19
CA LYS B 58 -24.17 -6.33 -12.54
C LYS B 58 -24.95 -7.61 -12.20
N ASP B 59 -25.08 -8.52 -13.18
CA ASP B 59 -25.87 -9.78 -12.98
C ASP B 59 -25.22 -10.94 -12.19
N TRP B 60 -24.06 -10.65 -11.59
CA TRP B 60 -23.34 -11.57 -10.69
C TRP B 60 -22.48 -12.59 -11.45
N SER B 61 -22.49 -12.57 -12.78
CA SER B 61 -21.67 -13.51 -13.57
C SER B 61 -20.22 -13.01 -13.75
N PHE B 62 -19.26 -13.93 -13.78
CA PHE B 62 -17.88 -13.54 -13.88
C PHE B 62 -17.46 -13.31 -15.32
N TYR B 63 -16.43 -12.50 -15.48
CA TYR B 63 -15.84 -12.19 -16.76
C TYR B 63 -14.34 -11.98 -16.56
N ILE B 64 -13.56 -12.25 -17.60
CA ILE B 64 -12.14 -11.94 -17.60
C ILE B 64 -11.79 -11.63 -19.07
N LEU B 65 -10.67 -10.92 -19.22
CA LEU B 65 -10.04 -10.61 -20.49
C LEU B 65 -8.61 -11.15 -20.53
N ALA B 66 -8.38 -11.94 -21.56
CA ALA B 66 -7.09 -12.50 -21.86
C ALA B 66 -6.67 -11.79 -23.13
N HIS B 67 -5.38 -11.45 -23.21
CA HIS B 67 -4.89 -10.81 -24.43
C HIS B 67 -3.40 -11.02 -24.69
N THR B 68 -3.03 -11.03 -25.96
CA THR B 68 -1.66 -11.28 -26.31
C THR B 68 -1.26 -10.57 -27.58
N GLU B 69 0.02 -10.20 -27.65
CA GLU B 69 0.57 -9.65 -28.85
C GLU B 69 0.58 -10.73 -29.93
N PHE B 70 0.21 -10.37 -31.15
CA PHE B 70 0.23 -11.31 -32.29
C PHE B 70 0.32 -10.54 -33.60
N THR B 71 0.78 -11.23 -34.62
CA THR B 71 0.82 -10.68 -35.93
C THR B 71 0.10 -11.61 -36.87
N PRO B 72 -1.04 -11.14 -37.38
CA PRO B 72 -1.87 -11.88 -38.32
C PRO B 72 -1.09 -12.32 -39.57
N THR B 73 -1.36 -13.55 -39.97
CA THR B 73 -0.73 -14.17 -41.12
C THR B 73 -1.77 -15.01 -41.83
N GLU B 74 -1.44 -15.36 -43.07
CA GLU B 74 -2.30 -16.12 -43.95
C GLU B 74 -1.99 -17.61 -43.84
N THR B 75 -1.11 -17.97 -42.92
CA THR B 75 -0.78 -19.37 -42.66
C THR B 75 -1.04 -19.81 -41.21
N ASP B 76 -1.31 -18.86 -40.33
CA ASP B 76 -1.50 -19.14 -38.91
C ASP B 76 -2.93 -19.02 -38.47
N THR B 77 -3.43 -19.99 -37.71
CA THR B 77 -4.75 -19.90 -37.08
C THR B 77 -4.54 -19.59 -35.61
N TYR B 78 -5.29 -18.61 -35.07
CA TYR B 78 -5.31 -18.30 -33.62
C TYR B 78 -6.66 -18.72 -33.03
N ALA B 79 -6.65 -19.14 -31.77
CA ALA B 79 -7.88 -19.60 -31.08
C ALA B 79 -7.90 -19.27 -29.57
N CYS B 80 -9.07 -19.39 -28.95
CA CYS B 80 -9.18 -19.29 -27.50
C CYS B 80 -9.76 -20.59 -26.97
N ARG B 81 -9.11 -21.20 -25.97
CA ARG B 81 -9.60 -22.46 -25.40
C ARG B 81 -9.91 -22.33 -23.93
N VAL B 82 -11.14 -22.69 -23.60
CA VAL B 82 -11.67 -22.53 -22.25
C VAL B 82 -12.13 -23.82 -21.61
N LYS B 83 -11.58 -24.07 -20.42
CA LYS B 83 -11.98 -25.19 -19.55
C LYS B 83 -12.77 -24.62 -18.36
N HIS B 84 -13.99 -25.11 -18.18
CA HIS B 84 -14.84 -24.70 -17.08
C HIS B 84 -15.66 -25.89 -16.66
N ALA B 85 -15.97 -25.99 -15.36
CA ALA B 85 -16.67 -27.17 -14.82
C ALA B 85 -18.07 -27.40 -15.39
N SER B 86 -18.70 -26.36 -15.91
CA SER B 86 -20.01 -26.53 -16.57
C SER B 86 -19.94 -27.11 -17.98
N MET B 87 -18.73 -27.32 -18.52
CA MET B 87 -18.60 -27.93 -19.84
C MET B 87 -17.97 -29.33 -19.80
N ALA B 88 -18.41 -30.19 -20.70
CA ALA B 88 -17.96 -31.58 -20.74
C ALA B 88 -16.46 -31.64 -21.09
N GLU B 89 -16.08 -30.98 -22.18
CA GLU B 89 -14.69 -30.90 -22.63
C GLU B 89 -14.39 -29.43 -22.82
N PRO B 90 -13.12 -29.07 -22.98
CA PRO B 90 -12.78 -27.65 -23.21
C PRO B 90 -13.51 -27.12 -24.45
N LYS B 91 -13.79 -25.83 -24.50
CA LYS B 91 -14.45 -25.23 -25.66
C LYS B 91 -13.49 -24.25 -26.35
N THR B 92 -13.22 -24.47 -27.64
CA THR B 92 -12.33 -23.56 -28.40
C THR B 92 -13.11 -22.67 -29.37
N VAL B 93 -12.73 -21.40 -29.42
CA VAL B 93 -13.19 -20.59 -30.52
C VAL B 93 -12.08 -19.91 -31.27
N TYR B 94 -12.16 -20.08 -32.60
CA TYR B 94 -11.14 -19.60 -33.49
C TYR B 94 -11.36 -18.15 -33.81
N TRP B 95 -10.26 -17.40 -33.91
CA TRP B 95 -10.37 -16.05 -34.37
C TRP B 95 -10.72 -16.06 -35.84
N ASP B 96 -11.76 -15.36 -36.24
CA ASP B 96 -12.01 -15.25 -37.66
C ASP B 96 -11.39 -13.94 -38.10
N ARG B 97 -10.25 -14.10 -38.77
CA ARG B 97 -9.39 -13.05 -39.31
C ARG B 97 -9.98 -11.68 -39.58
N ASP B 98 -11.19 -11.45 -39.10
CA ASP B 98 -11.93 -10.22 -39.37
C ASP B 98 -11.94 -9.39 -38.08
N MET B 99 -12.41 -10.08 -37.02
CA MET B 99 -12.71 -9.49 -35.71
C MET B 99 -11.51 -8.90 -34.96
N ASN C 7 7.70 23.54 19.74
CA ASN C 7 8.35 22.92 18.55
C ASN C 7 9.77 22.28 18.76
N TYR C 8 10.08 21.83 19.98
CA TYR C 8 11.34 21.09 20.22
C TYR C 8 11.20 20.10 21.39
N THR C 9 11.26 18.81 21.08
CA THR C 9 11.09 17.77 22.07
C THR C 9 12.42 17.20 22.50
N PHE C 10 12.61 17.14 23.81
CA PHE C 10 13.78 16.57 24.46
C PHE C 10 13.38 15.20 25.01
N ARG C 11 14.15 14.17 24.69
CA ARG C 11 13.82 12.84 25.22
C ARG C 11 15.02 11.99 25.64
N CYS C 12 14.93 11.51 26.89
CA CYS C 12 15.86 10.55 27.45
C CYS C 12 15.23 9.20 27.26
N LEU C 13 16.00 8.33 26.64
CA LEU C 13 15.55 7.01 26.26
C LEU C 13 16.44 6.06 26.99
N GLN C 14 15.85 5.26 27.86
CA GLN C 14 16.59 4.23 28.61
C GLN C 14 16.11 2.87 28.12
N MET C 15 17.06 1.97 27.89
CA MET C 15 16.73 0.61 27.50
C MET C 15 17.40 -0.33 28.48
N SER C 16 16.58 -1.14 29.15
CA SER C 16 17.08 -2.14 30.09
C SER C 16 16.68 -3.58 29.73
N SER C 17 17.67 -4.47 29.76
CA SER C 17 17.47 -5.90 29.50
C SER C 17 17.88 -6.68 30.73
N PHE C 18 16.96 -7.53 31.20
CA PHE C 18 17.16 -8.44 32.32
C PHE C 18 16.99 -9.85 31.77
N ALA C 19 18.11 -10.56 31.65
CA ALA C 19 18.09 -11.94 31.16
C ALA C 19 17.74 -12.97 32.26
N ASN C 20 18.30 -12.77 33.45
CA ASN C 20 18.08 -13.65 34.60
C ASN C 20 18.38 -12.87 35.88
N ARG C 21 18.16 -13.47 37.04
CA ARG C 21 18.41 -12.83 38.34
C ARG C 21 19.78 -12.17 38.49
N SER C 22 20.74 -12.57 37.66
CA SER C 22 22.10 -12.05 37.77
C SER C 22 22.76 -11.61 36.44
N TRP C 23 22.00 -10.98 35.56
CA TRP C 23 22.54 -10.43 34.32
C TRP C 23 21.63 -9.29 33.88
N SER C 24 22.17 -8.07 33.89
CA SER C 24 21.47 -6.88 33.41
C SER C 24 22.42 -5.91 32.78
N ARG C 25 21.94 -5.27 31.73
CA ARG C 25 22.61 -4.13 31.21
C ARG C 25 21.56 -3.03 31.04
N THR C 26 21.98 -1.78 31.19
CA THR C 26 21.10 -0.66 30.85
C THR C 26 21.83 0.44 30.10
N ASP C 27 21.16 0.98 29.08
CA ASP C 27 21.72 1.98 28.20
C ASP C 27 20.72 3.07 27.90
N SER C 28 21.23 4.29 27.81
CA SER C 28 20.43 5.47 27.52
C SER C 28 21.05 6.27 26.40
N VAL C 29 20.16 6.96 25.71
CA VAL C 29 20.48 7.85 24.62
C VAL C 29 19.59 9.09 24.82
N VAL C 30 20.14 10.28 24.57
CA VAL C 30 19.30 11.48 24.62
C VAL C 30 19.30 12.26 23.29
N TRP C 31 18.12 12.76 22.94
CA TRP C 31 17.84 13.51 21.71
C TRP C 31 17.23 14.87 22.01
N LEU C 32 17.66 15.88 21.27
CA LEU C 32 17.00 17.18 21.26
C LEU C 32 16.53 17.37 19.84
N GLY C 33 15.22 17.51 19.65
CA GLY C 33 14.69 17.52 18.30
C GLY C 33 15.23 16.24 17.72
N ASP C 34 15.82 16.33 16.56
CA ASP C 34 16.30 15.10 15.94
C ASP C 34 17.83 14.96 16.00
N LEU C 35 18.46 15.56 17.00
CA LEU C 35 19.92 15.47 17.15
C LEU C 35 20.27 14.80 18.44
N GLN C 36 21.23 13.87 18.40
CA GLN C 36 21.68 13.16 19.62
C GLN C 36 22.60 14.00 20.49
N THR C 37 22.21 14.23 21.74
CA THR C 37 23.02 15.05 22.62
C THR C 37 23.82 14.22 23.60
N HIS C 38 23.28 13.08 24.03
CA HIS C 38 23.98 12.26 25.03
C HIS C 38 23.93 10.75 24.79
N ARG C 39 24.85 10.05 25.42
CA ARG C 39 24.92 8.60 25.36
C ARG C 39 25.44 8.08 26.73
N TRP C 40 24.78 7.06 27.26
CA TRP C 40 25.22 6.41 28.49
C TRP C 40 25.20 4.88 28.38
N SER C 41 26.34 4.26 28.10
CA SER C 41 26.35 2.79 27.99
C SER C 41 26.51 2.11 29.35
N ASN C 42 26.03 0.88 29.48
CA ASN C 42 26.12 0.14 30.74
C ASN C 42 27.51 0.15 31.34
N ASP C 43 28.52 0.08 30.49
CA ASP C 43 29.92 -0.10 30.94
C ASP C 43 30.70 1.17 31.26
N SER C 44 30.07 2.31 30.98
CA SER C 44 30.64 3.59 31.36
C SER C 44 30.05 4.01 32.69
N ALA C 45 30.90 4.55 33.54
CA ALA C 45 30.53 5.08 34.84
C ALA C 45 29.91 6.47 34.66
N THR C 46 30.29 7.14 33.56
CA THR C 46 29.80 8.48 33.23
C THR C 46 28.96 8.62 31.94
N ILE C 47 28.19 9.71 31.88
CA ILE C 47 27.42 10.09 30.70
C ILE C 47 28.39 10.76 29.75
N SER C 48 28.29 10.40 28.46
CA SER C 48 29.11 11.00 27.39
C SER C 48 28.27 12.01 26.62
N PHE C 49 28.86 13.20 26.42
CA PHE C 49 28.33 14.23 25.53
C PHE C 49 28.58 13.81 24.07
N THR C 50 27.59 13.94 23.20
CA THR C 50 27.76 13.63 21.75
C THR C 50 27.73 14.89 20.90
N LYS C 51 27.73 16.04 21.55
CA LYS C 51 27.79 17.32 20.88
C LYS C 51 28.73 18.16 21.75
N PRO C 52 29.41 19.15 21.17
CA PRO C 52 30.14 20.10 22.00
C PRO C 52 29.23 20.93 22.93
N TRP C 53 27.92 20.95 22.69
CA TRP C 53 27.05 21.81 23.51
C TRP C 53 26.07 21.10 24.44
N SER C 54 26.29 19.80 24.65
CA SER C 54 25.43 18.93 25.48
C SER C 54 25.29 19.33 26.96
N GLN C 55 26.33 19.92 27.54
CA GLN C 55 26.27 20.38 28.92
C GLN C 55 25.33 21.58 29.12
N GLY C 56 24.83 22.15 28.01
CA GLY C 56 23.96 23.32 28.03
C GLY C 56 24.58 24.53 28.70
N LYS C 57 23.74 25.26 29.43
CA LYS C 57 24.17 26.47 30.13
C LYS C 57 24.55 26.19 31.58
N LEU C 58 24.88 24.94 31.88
CA LEU C 58 25.18 24.52 33.23
C LEU C 58 26.66 24.52 33.60
N SER C 59 26.93 24.78 34.87
CA SER C 59 28.29 24.72 35.40
C SER C 59 28.79 23.28 35.45
N ASN C 60 30.10 23.11 35.58
CA ASN C 60 30.69 21.80 35.75
C ASN C 60 30.20 21.18 37.04
N GLN C 61 30.28 21.95 38.12
CA GLN C 61 29.78 21.49 39.41
C GLN C 61 28.30 21.19 39.30
N GLN C 62 27.58 22.02 38.57
CA GLN C 62 26.15 21.79 38.34
C GLN C 62 25.95 20.54 37.48
N TRP C 63 26.89 20.27 36.57
CA TRP C 63 26.73 19.09 35.71
C TRP C 63 26.93 17.81 36.54
N GLU C 64 28.15 17.69 37.06
CA GLU C 64 28.62 16.65 37.97
C GLU C 64 27.62 16.24 39.08
N LYS C 65 26.96 17.22 39.72
CA LYS C 65 25.89 16.95 40.71
C LYS C 65 24.71 16.23 40.06
N LEU C 66 24.29 16.72 38.89
CA LEU C 66 23.17 16.13 38.12
C LEU C 66 23.52 14.71 37.66
N GLN C 67 24.75 14.54 37.25
CA GLN C 67 25.23 13.26 36.84
C GLN C 67 25.22 12.30 38.02
N HIS C 68 25.60 12.81 39.21
CA HIS C 68 25.65 11.99 40.43
C HIS C 68 24.32 11.36 40.70
N MET C 69 23.27 12.18 40.61
CA MET C 69 21.91 11.73 40.73
C MET C 69 21.60 10.55 39.83
N PHE C 70 22.12 10.61 38.61
CA PHE C 70 21.82 9.58 37.63
C PHE C 70 22.57 8.30 37.90
N GLN C 71 23.82 8.42 38.36
CA GLN C 71 24.64 7.26 38.68
C GLN C 71 23.99 6.42 39.81
N VAL C 72 23.51 7.13 40.83
CA VAL C 72 22.83 6.52 41.96
C VAL C 72 21.50 5.95 41.51
N TYR C 73 20.80 6.65 40.64
CA TYR C 73 19.51 6.17 40.11
C TYR C 73 19.68 4.90 39.28
N ARG C 74 20.71 4.86 38.43
CA ARG C 74 20.98 3.69 37.59
C ARG C 74 21.21 2.41 38.39
N VAL C 75 22.05 2.44 39.41
CA VAL C 75 22.17 1.26 40.32
C VAL C 75 20.85 0.96 41.11
N SER C 76 20.19 1.97 41.66
CA SER C 76 18.94 1.79 42.38
C SER C 76 17.80 1.19 41.53
N PHE C 77 17.68 1.64 40.26
CA PHE C 77 16.66 1.16 39.31
C PHE C 77 16.86 -0.32 39.06
N THR C 78 18.11 -0.71 38.86
CA THR C 78 18.48 -2.11 38.61
C THR C 78 18.10 -3.02 39.80
N ARG C 79 18.46 -2.59 41.02
CA ARG C 79 18.12 -3.27 42.25
C ARG C 79 16.59 -3.36 42.42
N ASP C 80 15.88 -2.25 42.25
CA ASP C 80 14.41 -2.24 42.41
C ASP C 80 13.64 -3.16 41.46
N ILE C 81 13.95 -3.15 40.16
CA ILE C 81 13.32 -4.06 39.17
C ILE C 81 13.48 -5.55 39.47
N GLN C 82 14.68 -5.95 39.92
CA GLN C 82 14.93 -7.34 40.26
C GLN C 82 14.01 -7.77 41.41
N GLU C 83 13.79 -6.86 42.37
CA GLU C 83 12.86 -7.07 43.48
C GLU C 83 11.40 -7.05 43.05
N LEU C 84 11.01 -6.01 42.34
CA LEU C 84 9.64 -5.91 41.88
C LEU C 84 9.24 -7.01 40.87
N VAL C 85 10.20 -7.47 40.08
CA VAL C 85 9.95 -8.55 39.11
C VAL C 85 9.43 -9.86 39.75
N LYS C 86 9.81 -10.14 40.99
CA LYS C 86 9.34 -11.35 41.70
C LYS C 86 7.81 -11.40 41.84
N MET C 87 7.19 -10.22 41.87
CA MET C 87 5.74 -10.07 42.05
C MET C 87 4.97 -10.34 40.76
N MET C 88 5.68 -10.72 39.70
CA MET C 88 5.09 -10.96 38.39
C MET C 88 4.03 -12.08 38.36
N SER C 89 3.04 -11.92 37.48
CA SER C 89 1.91 -12.85 37.34
C SER C 89 2.42 -14.25 36.92
N PRO C 90 1.60 -15.18 36.40
CA PRO C 90 1.93 -16.59 36.53
C PRO C 90 3.28 -16.78 37.21
N LYS C 91 4.36 -16.87 36.44
CA LYS C 91 5.67 -16.99 37.04
C LYS C 91 6.46 -15.72 36.75
N GLU C 92 7.58 -15.58 37.44
CA GLU C 92 8.54 -14.55 37.17
C GLU C 92 9.26 -15.00 35.89
N ASP C 93 8.58 -14.93 34.74
CA ASP C 93 9.10 -15.46 33.46
C ASP C 93 10.13 -14.55 32.78
N TYR C 94 11.21 -15.14 32.29
CA TYR C 94 12.29 -14.30 31.86
C TYR C 94 12.33 -13.56 30.53
N PRO C 95 13.47 -13.49 29.84
CA PRO C 95 13.96 -12.23 29.28
C PRO C 95 13.05 -11.06 29.59
N ILE C 96 13.57 -10.02 30.19
CA ILE C 96 12.72 -8.88 30.47
C ILE C 96 13.33 -7.62 29.89
N GLU C 97 12.50 -6.88 29.14
CA GLU C 97 12.89 -5.67 28.46
C GLU C 97 12.11 -4.50 29.03
N ILE C 98 12.81 -3.49 29.52
CA ILE C 98 12.16 -2.29 30.06
C ILE C 98 12.64 -1.04 29.36
N GLN C 99 11.70 -0.20 28.96
CA GLN C 99 12.01 1.02 28.27
C GLN C 99 11.39 2.23 28.95
N LEU C 100 12.20 3.27 29.12
CA LEU C 100 11.76 4.56 29.66
C LEU C 100 12.04 5.69 28.69
N SER C 101 11.04 6.57 28.54
CA SER C 101 11.15 7.75 27.72
C SER C 101 10.71 8.94 28.60
N ALA C 102 11.66 9.81 28.94
CA ALA C 102 11.40 10.96 29.83
C ALA C 102 11.88 12.28 29.24
N GLY C 103 11.18 13.36 29.58
CA GLY C 103 11.59 14.68 29.11
C GLY C 103 10.52 15.75 29.05
N CYS C 104 10.62 16.58 28.04
CA CYS C 104 9.76 17.73 27.89
C CYS C 104 9.76 18.15 26.45
N GLU C 105 8.61 18.56 25.96
CA GLU C 105 8.49 19.15 24.64
C GLU C 105 8.48 20.64 24.94
N MET C 106 9.43 21.39 24.40
CA MET C 106 9.50 22.83 24.64
C MET C 106 8.60 23.61 23.70
N TYR C 107 7.99 24.68 24.22
CA TYR C 107 7.18 25.55 23.38
C TYR C 107 7.58 27.01 23.61
N SER C 112 6.53 24.45 28.31
CA SER C 112 6.76 23.00 28.23
C SER C 112 5.76 22.13 29.00
N GLU C 113 5.75 20.85 28.62
CA GLU C 113 4.91 19.81 29.18
C GLU C 113 5.83 18.62 29.20
N SER C 114 6.02 18.07 30.37
CA SER C 114 6.98 17.00 30.61
C SER C 114 6.31 15.63 30.58
N PHE C 115 7.11 14.60 30.45
CA PHE C 115 6.60 13.26 30.32
C PHE C 115 7.61 12.24 30.89
N LEU C 116 7.06 11.14 31.41
CA LEU C 116 7.83 10.03 31.89
C LEU C 116 7.01 8.80 31.61
N HIS C 117 7.36 8.05 30.57
CA HIS C 117 6.59 6.88 30.18
C HIS C 117 7.42 5.65 30.29
N VAL C 118 6.77 4.52 30.58
CA VAL C 118 7.47 3.26 30.76
C VAL C 118 6.79 2.10 30.03
N ALA C 119 7.60 1.34 29.31
CA ALA C 119 7.11 0.10 28.72
C ALA C 119 7.85 -1.14 29.27
N PHE C 120 7.11 -2.24 29.28
CA PHE C 120 7.51 -3.58 29.73
C PHE C 120 7.13 -4.53 28.60
N GLN C 121 8.11 -5.29 28.13
CA GLN C 121 7.95 -6.23 27.00
C GLN C 121 7.42 -5.54 25.74
N GLY C 122 7.93 -4.33 25.51
CA GLY C 122 7.56 -3.50 24.38
C GLY C 122 6.25 -2.75 24.46
N LYS C 123 5.53 -2.86 25.57
CA LYS C 123 4.23 -2.21 25.66
C LYS C 123 4.18 -1.20 26.80
N TYR C 124 3.54 -0.07 26.51
CA TYR C 124 3.36 1.04 27.45
C TYR C 124 2.42 0.61 28.57
N VAL C 125 2.96 0.59 29.79
CA VAL C 125 2.26 0.11 30.97
C VAL C 125 2.19 1.13 32.13
N VAL C 126 3.16 2.03 32.20
CA VAL C 126 3.29 2.93 33.35
C VAL C 126 3.70 4.33 32.91
N ARG C 127 3.23 5.32 33.65
CA ARG C 127 3.56 6.74 33.51
C ARG C 127 3.77 7.35 34.94
N PHE C 128 4.61 8.35 35.08
CA PHE C 128 4.55 9.18 36.27
C PHE C 128 3.56 10.28 35.86
N TRP C 129 2.62 10.65 36.71
CA TRP C 129 1.64 11.65 36.31
C TRP C 129 1.34 12.58 37.48
N GLY C 130 1.81 13.82 37.38
CA GLY C 130 1.61 14.82 38.43
C GLY C 130 2.50 14.65 39.65
N THR C 131 2.02 13.83 40.59
CA THR C 131 2.75 13.53 41.84
C THR C 131 2.97 12.04 42.17
N SER C 132 2.52 11.13 41.30
CA SER C 132 2.72 9.69 41.52
C SER C 132 2.78 8.87 40.25
N TRP C 133 3.30 7.64 40.37
CA TRP C 133 3.24 6.64 39.34
C TRP C 133 1.81 6.07 39.21
N GLN C 134 1.45 5.73 38.00
CA GLN C 134 0.18 5.08 37.76
C GLN C 134 0.19 4.15 36.56
N THR C 135 -0.53 3.04 36.69
CA THR C 135 -0.68 2.13 35.56
C THR C 135 -1.57 2.75 34.51
N VAL C 136 -1.39 2.29 33.29
CA VAL C 136 -2.14 2.72 32.12
C VAL C 136 -3.25 1.68 31.80
N PRO C 137 -4.38 2.08 31.18
CA PRO C 137 -5.46 1.12 30.87
C PRO C 137 -4.96 -0.12 30.08
N GLY C 138 -5.34 -1.31 30.53
CA GLY C 138 -4.87 -2.52 29.85
C GLY C 138 -3.50 -3.01 30.31
N ALA C 139 -2.82 -2.24 31.15
CA ALA C 139 -1.60 -2.73 31.78
C ALA C 139 -1.96 -3.99 32.61
N PRO C 140 -1.03 -4.95 32.68
CA PRO C 140 -1.26 -6.17 33.47
C PRO C 140 -1.55 -5.82 34.92
N SER C 141 -2.57 -6.46 35.50
CA SER C 141 -2.96 -6.16 36.86
C SER C 141 -1.94 -6.52 37.94
N TRP C 142 -0.97 -7.35 37.60
CA TRP C 142 0.07 -7.71 38.54
C TRP C 142 1.01 -6.52 38.80
N LEU C 143 0.85 -5.45 38.01
CA LEU C 143 1.67 -4.24 38.15
C LEU C 143 1.19 -3.29 39.23
N ASP C 144 -0.10 -3.42 39.60
CA ASP C 144 -0.71 -2.58 40.62
C ASP C 144 0.00 -2.58 41.98
N LEU C 145 0.39 -3.74 42.49
CA LEU C 145 1.09 -3.83 43.76
C LEU C 145 2.50 -3.22 43.71
N PRO C 146 3.36 -3.62 42.74
CA PRO C 146 4.59 -2.92 42.48
C PRO C 146 4.42 -1.41 42.48
N ILE C 147 3.43 -0.87 41.74
CA ILE C 147 3.31 0.59 41.70
C ILE C 147 2.77 1.26 42.99
N LYS C 148 2.06 0.49 43.84
CA LYS C 148 1.69 0.92 45.19
C LYS C 148 2.95 1.01 46.06
N VAL C 149 3.85 0.06 45.88
CA VAL C 149 5.06 0.01 46.66
C VAL C 149 5.98 1.17 46.35
N LEU C 150 6.05 1.49 45.07
CA LEU C 150 6.89 2.55 44.52
C LEU C 150 6.37 3.95 44.93
N ASN C 151 5.05 4.11 44.96
CA ASN C 151 4.38 5.32 45.42
C ASN C 151 4.45 5.54 46.93
N ALA C 152 4.94 4.54 47.66
CA ALA C 152 5.11 4.68 49.09
C ALA C 152 6.37 5.51 49.33
N ASP C 153 7.25 5.56 48.34
CA ASP C 153 8.51 6.30 48.42
C ASP C 153 8.34 7.81 48.11
N GLN C 154 8.19 8.58 49.18
CA GLN C 154 7.94 10.02 49.12
C GLN C 154 9.14 10.84 48.63
N GLY C 155 10.37 10.44 48.94
CA GLY C 155 11.56 11.15 48.48
C GLY C 155 11.80 11.06 46.98
N THR C 156 11.55 9.90 46.43
CA THR C 156 11.63 9.69 44.99
C THR C 156 10.56 10.46 44.26
N SER C 157 9.36 10.58 44.82
CA SER C 157 8.27 11.26 44.14
C SER C 157 8.62 12.74 43.98
N ALA C 158 9.17 13.32 45.04
CA ALA C 158 9.56 14.72 45.07
C ALA C 158 10.69 14.97 44.11
N THR C 159 11.60 14.02 44.02
CA THR C 159 12.73 14.14 43.14
C THR C 159 12.28 14.10 41.70
N VAL C 160 11.39 13.17 41.36
CA VAL C 160 10.87 13.06 40.00
C VAL C 160 10.07 14.34 39.62
N GLN C 161 9.18 14.82 40.49
CA GLN C 161 8.45 16.07 40.24
C GLN C 161 9.41 17.25 40.02
N MET C 162 10.55 17.25 40.70
CA MET C 162 11.55 18.27 40.51
C MET C 162 12.17 18.13 39.13
N LEU C 163 12.55 16.91 38.77
CA LEU C 163 13.17 16.68 37.49
C LEU C 163 12.29 17.04 36.28
N LEU C 164 11.00 16.76 36.38
CA LEU C 164 10.04 16.98 35.30
C LEU C 164 9.55 18.39 35.22
N ASN C 165 9.08 18.90 36.36
CA ASN C 165 8.57 20.28 36.42
C ASN C 165 9.63 21.39 36.29
N ASP C 166 10.86 21.14 36.74
CA ASP C 166 11.85 22.23 36.82
C ASP C 166 13.19 22.00 36.18
N THR C 167 13.83 20.90 36.57
CA THR C 167 15.15 20.55 36.06
C THR C 167 15.16 20.40 34.54
N CYS C 168 14.24 19.60 34.01
CA CYS C 168 14.16 19.33 32.56
C CYS C 168 14.01 20.62 31.75
N PRO C 169 12.95 21.41 31.95
CA PRO C 169 12.77 22.65 31.16
C PRO C 169 13.96 23.60 31.22
N LEU C 170 14.48 23.89 32.43
CA LEU C 170 15.62 24.79 32.58
C LEU C 170 16.83 24.29 31.82
N PHE C 171 17.18 23.02 32.00
CA PHE C 171 18.29 22.41 31.25
C PHE C 171 18.07 22.56 29.75
N VAL C 172 16.85 22.26 29.31
CA VAL C 172 16.56 22.32 27.89
C VAL C 172 16.50 23.76 27.37
N ARG C 173 16.09 24.71 28.23
CA ARG C 173 16.19 26.12 27.90
C ARG C 173 17.66 26.38 27.55
N GLY C 174 18.56 25.79 28.33
CA GLY C 174 19.99 25.97 28.17
C GLY C 174 20.62 25.34 26.95
N LEU C 175 20.21 24.13 26.60
CA LEU C 175 20.70 23.48 25.39
C LEU C 175 20.36 24.22 24.12
N LEU C 176 19.13 24.74 24.05
CA LEU C 176 18.63 25.49 22.88
C LEU C 176 19.44 26.75 22.59
N GLU C 177 19.95 27.37 23.65
CA GLU C 177 20.82 28.54 23.50
C GLU C 177 22.15 28.02 22.99
N ALA C 178 22.72 27.09 23.75
CA ALA C 178 24.02 26.49 23.47
C ALA C 178 24.16 25.85 22.09
N GLY C 179 23.16 25.07 21.67
CA GLY C 179 23.24 24.42 20.37
C GLY C 179 22.52 25.10 19.25
N LYS C 180 22.24 26.40 19.40
CA LYS C 180 21.50 27.17 18.40
C LYS C 180 22.11 27.04 17.01
N SER C 181 23.42 27.30 16.91
CA SER C 181 24.13 27.18 15.63
C SER C 181 23.87 25.85 14.94
N ASP C 182 24.05 24.73 15.64
CA ASP C 182 23.77 23.41 15.07
C ASP C 182 22.30 23.22 14.79
N LEU C 183 21.45 23.76 15.66
CA LEU C 183 20.00 23.54 15.56
C LEU C 183 19.37 24.11 14.31
N GLU C 184 19.82 25.29 13.93
CA GLU C 184 19.33 25.93 12.71
C GLU C 184 20.34 25.90 11.56
N LYS C 185 21.28 24.96 11.63
CA LYS C 185 22.23 24.70 10.55
C LYS C 185 21.32 24.32 9.38
N GLN C 186 21.71 24.68 8.17
CA GLN C 186 20.94 24.37 6.97
C GLN C 186 21.81 23.65 5.97
N GLU C 187 21.32 22.48 5.55
CA GLU C 187 21.96 21.54 4.61
C GLU C 187 21.14 21.36 3.32
N LYS C 188 21.78 21.58 2.18
CA LYS C 188 21.12 21.46 0.87
C LYS C 188 20.93 20.01 0.43
N PRO C 189 19.72 19.66 -0.01
CA PRO C 189 19.47 18.30 -0.51
C PRO C 189 20.20 18.18 -1.83
N VAL C 190 20.37 16.95 -2.31
CA VAL C 190 20.97 16.68 -3.60
C VAL C 190 20.04 15.63 -4.13
N ALA C 191 19.62 15.77 -5.37
CA ALA C 191 18.66 14.83 -5.94
C ALA C 191 19.22 14.03 -7.10
N TRP C 192 18.61 12.87 -7.36
CA TRP C 192 18.96 12.10 -8.55
C TRP C 192 17.84 11.15 -8.85
N LEU C 193 17.69 10.81 -10.13
CA LEU C 193 16.55 10.02 -10.62
C LEU C 193 16.94 8.62 -11.05
N SER C 194 15.97 7.73 -11.02
CA SER C 194 16.13 6.38 -11.49
C SER C 194 14.75 5.82 -11.73
N SER C 195 14.68 4.63 -12.28
CA SER C 195 13.41 4.04 -12.55
C SER C 195 13.51 2.58 -12.28
N VAL C 196 12.33 2.00 -12.10
CA VAL C 196 12.19 0.64 -11.70
C VAL C 196 11.12 -0.04 -12.59
N PRO C 197 11.51 -1.12 -13.26
CA PRO C 197 10.59 -2.00 -14.02
C PRO C 197 9.29 -2.43 -13.32
N HIS C 201 3.67 -6.41 -17.95
CA HIS C 201 3.08 -5.15 -18.40
C HIS C 201 4.09 -4.05 -18.64
N GLY C 202 3.60 -2.91 -19.13
CA GLY C 202 4.45 -1.80 -19.51
C GLY C 202 4.54 -0.68 -18.50
N HIS C 203 4.16 -0.95 -17.25
CA HIS C 203 4.22 0.04 -16.18
C HIS C 203 5.60 0.06 -15.51
N ARG C 204 6.12 1.25 -15.25
CA ARG C 204 7.34 1.40 -14.46
C ARG C 204 7.22 2.46 -13.40
N GLN C 205 8.09 2.39 -12.42
CA GLN C 205 8.00 3.40 -11.38
C GLN C 205 9.26 4.25 -11.38
N LEU C 206 9.04 5.56 -11.31
CA LEU C 206 10.12 6.50 -11.33
C LEU C 206 10.44 6.87 -9.87
N VAL C 207 11.73 6.98 -9.55
CA VAL C 207 12.15 7.27 -8.20
C VAL C 207 13.02 8.53 -8.14
N CYS C 208 12.59 9.48 -7.35
CA CYS C 208 13.37 10.66 -7.13
C CYS C 208 13.96 10.56 -5.74
N HIS C 209 15.29 10.57 -5.67
CA HIS C 209 16.03 10.43 -4.43
C HIS C 209 16.55 11.81 -3.97
N VAL C 210 16.31 12.13 -2.70
CA VAL C 210 16.76 13.40 -2.16
C VAL C 210 17.50 13.08 -0.88
N SER C 211 18.81 13.37 -0.87
CA SER C 211 19.66 13.04 0.25
C SER C 211 20.51 14.20 0.71
N GLY C 212 20.74 14.29 2.02
CA GLY C 212 21.62 15.30 2.58
C GLY C 212 20.99 16.57 3.06
N PHE C 213 19.67 16.64 3.13
CA PHE C 213 19.07 17.87 3.61
C PHE C 213 18.96 17.93 5.15
N TYR C 214 18.96 19.16 5.68
CA TYR C 214 18.64 19.47 7.08
C TYR C 214 18.17 20.91 7.13
N PRO C 215 17.17 21.26 7.94
CA PRO C 215 16.36 20.31 8.73
C PRO C 215 15.32 19.50 7.95
N LYS C 216 14.74 18.53 8.64
CA LYS C 216 13.82 17.54 8.10
C LYS C 216 12.74 18.05 7.10
N PRO C 217 12.02 19.11 7.42
CA PRO C 217 10.99 19.62 6.51
C PRO C 217 11.40 19.82 5.04
N VAL C 218 10.76 19.06 4.16
CA VAL C 218 11.06 19.10 2.73
C VAL C 218 9.81 18.85 1.88
N TRP C 219 9.85 19.40 0.66
CA TRP C 219 8.78 19.26 -0.31
C TRP C 219 9.40 18.65 -1.54
N VAL C 220 8.80 17.56 -2.02
CA VAL C 220 9.29 16.81 -3.17
C VAL C 220 8.07 16.29 -3.92
N MET C 221 8.01 16.54 -5.22
CA MET C 221 6.89 16.11 -6.05
C MET C 221 7.35 15.88 -7.48
N TRP C 222 6.70 14.93 -8.15
CA TRP C 222 6.83 14.77 -9.59
C TRP C 222 5.84 15.74 -10.25
N MET C 223 6.26 16.38 -11.34
CA MET C 223 5.48 17.41 -12.04
C MET C 223 5.49 17.17 -13.54
N ARG C 224 4.39 17.48 -14.22
CA ARG C 224 4.38 17.54 -15.67
C ARG C 224 4.10 19.00 -15.97
N GLY C 225 5.16 19.79 -16.10
CA GLY C 225 5.00 21.24 -16.17
C GLY C 225 4.73 21.86 -14.80
N ASP C 226 3.68 22.67 -14.71
CA ASP C 226 3.28 23.29 -13.43
C ASP C 226 2.25 22.41 -12.69
N GLN C 227 2.01 21.23 -13.25
CA GLN C 227 1.05 20.27 -12.75
C GLN C 227 1.68 19.25 -11.79
N GLU C 228 1.31 19.33 -10.51
CA GLU C 228 1.79 18.38 -9.51
C GLU C 228 1.16 17.04 -9.86
N GLN C 229 1.95 15.95 -9.82
CA GLN C 229 1.41 14.62 -10.04
C GLN C 229 0.97 14.00 -8.72
N GLN C 230 -0.33 14.03 -8.47
CA GLN C 230 -0.89 13.30 -7.33
C GLN C 230 -0.66 11.85 -7.73
N GLY C 231 -0.34 11.00 -6.77
CA GLY C 231 0.08 9.64 -7.14
C GLY C 231 1.59 9.53 -6.97
N THR C 232 2.18 10.69 -6.69
CA THR C 232 3.54 10.80 -6.20
C THR C 232 3.42 10.29 -4.78
N HIS C 233 4.16 9.24 -4.47
CA HIS C 233 4.16 8.70 -3.15
C HIS C 233 5.51 8.99 -2.44
N ARG C 234 5.44 9.62 -1.26
CA ARG C 234 6.63 9.92 -0.46
C ARG C 234 7.01 8.69 0.36
N GLY C 235 8.30 8.39 0.41
CA GLY C 235 8.80 7.33 1.28
C GLY C 235 8.97 7.88 2.69
N ASP C 236 9.63 7.13 3.57
CA ASP C 236 9.91 7.59 4.92
C ASP C 236 11.23 8.37 4.97
N PHE C 237 11.35 9.20 5.99
CA PHE C 237 12.57 9.94 6.26
C PHE C 237 13.63 8.97 6.79
N LEU C 238 14.70 8.76 6.04
CA LEU C 238 15.77 7.85 6.45
C LEU C 238 17.00 8.62 6.90
N PRO C 239 17.62 8.23 8.01
CA PRO C 239 18.75 8.99 8.52
C PRO C 239 20.03 8.76 7.70
N ASN C 240 20.81 9.83 7.52
CA ASN C 240 22.18 9.70 7.08
C ASN C 240 23.05 9.72 8.34
N ALA C 241 24.25 9.14 8.26
CA ALA C 241 25.18 9.03 9.39
C ALA C 241 25.73 10.37 9.87
N ASP C 242 25.73 11.36 9.00
CA ASP C 242 26.23 12.70 9.33
C ASP C 242 25.10 13.63 9.69
N GLU C 243 24.04 13.07 10.26
CA GLU C 243 22.89 13.82 10.74
C GLU C 243 22.06 14.60 9.70
N THR C 244 22.10 14.20 8.43
CA THR C 244 21.19 14.78 7.45
C THR C 244 20.15 13.70 7.12
N TRP C 245 19.18 14.00 6.26
CA TRP C 245 18.12 13.05 5.97
C TRP C 245 18.05 12.63 4.51
N TYR C 246 17.48 11.45 4.30
CA TYR C 246 17.29 10.92 2.98
C TYR C 246 15.77 10.70 2.82
N LEU C 247 15.26 11.03 1.64
CA LEU C 247 13.87 10.80 1.29
C LEU C 247 13.85 10.41 -0.17
N GLN C 248 12.90 9.57 -0.56
CA GLN C 248 12.66 9.33 -1.97
C GLN C 248 11.16 9.41 -2.24
N ALA C 249 10.83 9.86 -3.44
CA ALA C 249 9.45 10.02 -3.88
C ALA C 249 9.35 9.28 -5.20
N THR C 250 8.30 8.47 -5.32
CA THR C 250 8.06 7.63 -6.48
C THR C 250 6.76 7.96 -7.20
N LEU C 251 6.66 7.52 -8.45
CA LEU C 251 5.47 7.70 -9.25
C LEU C 251 5.45 6.59 -10.27
N ASP C 252 4.27 5.96 -10.35
CA ASP C 252 3.97 4.95 -11.37
C ASP C 252 3.56 5.59 -12.68
N VAL C 253 4.14 5.08 -13.76
CA VAL C 253 3.89 5.59 -15.09
C VAL C 253 3.81 4.46 -16.09
N GLU C 254 2.98 4.67 -17.11
CA GLU C 254 2.85 3.76 -18.24
C GLU C 254 4.09 3.93 -19.13
N ALA C 255 4.39 2.96 -19.97
CA ALA C 255 5.51 3.06 -20.90
C ALA C 255 5.23 4.22 -21.85
N GLY C 256 6.12 5.21 -21.84
CA GLY C 256 5.97 6.38 -22.70
C GLY C 256 5.09 7.42 -22.05
N GLU C 257 5.20 7.50 -20.73
CA GLU C 257 4.47 8.48 -19.95
C GLU C 257 5.58 9.24 -19.28
N GLU C 258 6.79 8.71 -19.35
CA GLU C 258 7.98 9.31 -18.73
C GLU C 258 8.42 10.66 -19.30
N ALA C 259 8.26 10.82 -20.61
CA ALA C 259 8.69 12.03 -21.28
C ALA C 259 7.88 13.19 -20.74
N GLY C 260 8.55 14.28 -20.39
CA GLY C 260 7.89 15.46 -19.85
C GLY C 260 7.75 15.54 -18.33
N LEU C 261 8.30 14.57 -17.60
CA LEU C 261 8.19 14.59 -16.13
C LEU C 261 9.46 15.13 -15.47
N ALA C 262 9.27 15.81 -14.34
CA ALA C 262 10.37 16.33 -13.55
C ALA C 262 10.09 16.22 -12.05
N CYS C 263 11.18 16.19 -11.28
CA CYS C 263 11.15 16.16 -9.85
C CYS C 263 11.47 17.57 -9.37
N ARG C 264 10.61 18.16 -8.55
CA ARG C 264 10.82 19.49 -8.04
C ARG C 264 11.01 19.40 -6.52
N VAL C 265 12.22 19.72 -6.04
CA VAL C 265 12.43 19.75 -4.60
C VAL C 265 12.54 21.15 -4.01
N LYS C 266 11.78 21.39 -2.94
CA LYS C 266 11.82 22.67 -2.22
C LYS C 266 12.39 22.45 -0.81
N HIS C 267 13.39 23.23 -0.42
CA HIS C 267 13.96 23.12 0.90
C HIS C 267 14.40 24.47 1.42
N SER C 268 14.43 24.63 2.73
CA SER C 268 14.78 25.92 3.31
C SER C 268 16.25 26.31 3.03
N SER C 269 17.09 25.35 2.74
CA SER C 269 18.52 25.60 2.51
C SER C 269 18.85 26.26 1.16
N LEU C 270 17.97 26.09 0.17
CA LEU C 270 18.28 26.49 -1.21
C LEU C 270 18.05 27.94 -1.55
N GLY C 271 17.56 28.70 -0.58
CA GLY C 271 17.07 30.07 -0.86
C GLY C 271 15.80 29.75 -1.63
N GLY C 272 15.47 30.53 -2.65
CA GLY C 272 14.30 30.19 -3.44
C GLY C 272 14.61 29.40 -4.70
N GLN C 273 15.82 28.85 -4.75
CA GLN C 273 16.29 28.15 -5.92
C GLN C 273 15.91 26.69 -5.84
N ASP C 274 14.64 26.38 -6.13
CA ASP C 274 14.15 24.98 -6.20
C ASP C 274 14.99 24.08 -7.07
N ILE C 275 15.00 22.79 -6.76
CA ILE C 275 15.71 21.79 -7.59
C ILE C 275 14.78 21.11 -8.59
N ILE C 276 15.08 21.23 -9.88
CA ILE C 276 14.25 20.57 -10.88
C ILE C 276 15.08 19.64 -11.74
N LEU C 277 14.72 18.36 -11.72
CA LEU C 277 15.43 17.35 -12.49
C LEU C 277 14.46 16.73 -13.44
N TYR C 278 14.82 16.76 -14.71
CA TYR C 278 14.02 16.26 -15.80
C TYR C 278 14.38 14.83 -16.14
N TRP C 279 13.37 13.98 -16.15
CA TRP C 279 13.53 12.61 -16.57
C TRP C 279 13.88 12.59 -18.08
N GLN D 2 6.99 -9.55 20.11
CA GLN D 2 8.07 -9.86 19.10
C GLN D 2 7.77 -9.30 17.68
N LYS D 3 8.46 -8.24 17.29
CA LYS D 3 8.30 -7.62 15.96
C LYS D 3 9.50 -7.83 15.02
N THR D 4 9.20 -8.19 13.76
CA THR D 4 10.20 -8.44 12.68
C THR D 4 10.86 -7.19 12.07
N PRO D 5 12.18 -7.11 12.08
CA PRO D 5 12.89 -5.97 11.53
C PRO D 5 12.71 -5.77 10.00
N GLN D 6 12.59 -4.51 9.62
CA GLN D 6 12.55 -4.03 8.27
C GLN D 6 13.97 -3.50 7.99
N ILE D 7 14.45 -3.67 6.75
CA ILE D 7 15.79 -3.21 6.39
C ILE D 7 15.69 -2.33 5.16
N GLN D 8 16.32 -1.16 5.19
CA GLN D 8 16.35 -0.33 4.00
C GLN D 8 17.82 -0.03 3.78
N VAL D 9 18.31 -0.33 2.58
CA VAL D 9 19.68 -0.06 2.18
C VAL D 9 19.65 1.07 1.16
N TYR D 10 20.50 2.09 1.33
CA TYR D 10 20.46 3.27 0.48
C TYR D 10 21.78 4.02 0.57
N SER D 11 22.04 4.89 -0.37
CA SER D 11 23.31 5.59 -0.53
C SER D 11 23.28 7.01 0.04
N ARG D 12 24.43 7.50 0.49
CA ARG D 12 24.50 8.85 1.03
C ARG D 12 24.48 9.83 -0.11
N HIS D 13 25.26 9.52 -1.15
CA HIS D 13 25.38 10.35 -2.34
C HIS D 13 24.82 9.62 -3.53
N PRO D 14 24.58 10.34 -4.63
CA PRO D 14 24.21 9.69 -5.87
C PRO D 14 25.33 8.72 -6.23
N PRO D 15 24.99 7.43 -6.41
CA PRO D 15 26.01 6.44 -6.68
C PRO D 15 26.56 6.55 -8.08
N GLU D 16 27.89 6.63 -8.20
CA GLU D 16 28.56 6.64 -9.48
C GLU D 16 29.66 5.62 -9.39
N ASN D 17 29.76 4.75 -10.39
CA ASN D 17 30.78 3.71 -10.43
C ASN D 17 32.20 4.28 -10.30
N GLY D 18 33.03 3.62 -9.50
CA GLY D 18 34.37 4.12 -9.20
C GLY D 18 34.46 5.30 -8.24
N LYS D 19 33.32 5.85 -7.82
CA LYS D 19 33.30 7.03 -6.95
C LYS D 19 32.90 6.73 -5.49
N PRO D 20 33.83 7.01 -4.56
CA PRO D 20 33.64 6.82 -3.12
C PRO D 20 32.34 7.40 -2.57
N ASN D 21 31.56 6.54 -1.92
CA ASN D 21 30.26 6.91 -1.37
C ASN D 21 30.20 6.28 0.05
N ILE D 22 29.03 6.29 0.65
CA ILE D 22 28.76 5.64 1.91
C ILE D 22 27.39 4.97 1.73
N LEU D 23 27.31 3.72 2.16
CA LEU D 23 26.10 2.87 2.10
C LEU D 23 25.59 2.76 3.54
N ASN D 24 24.31 3.07 3.70
CA ASN D 24 23.61 2.99 4.96
C ASN D 24 22.70 1.77 4.95
N CYS D 25 22.52 1.15 6.10
CA CYS D 25 21.56 0.05 6.29
C CYS D 25 20.74 0.42 7.51
N TYR D 26 19.49 0.79 7.28
CA TYR D 26 18.58 1.25 8.32
C TYR D 26 17.63 0.12 8.72
N VAL D 27 17.81 -0.36 9.96
CA VAL D 27 17.01 -1.44 10.52
C VAL D 27 16.07 -0.93 11.59
N THR D 28 14.78 -1.13 11.36
CA THR D 28 13.76 -0.60 12.23
C THR D 28 12.72 -1.65 12.58
N GLN D 29 11.78 -1.28 13.44
CA GLN D 29 10.60 -2.07 13.68
C GLN D 29 10.81 -3.37 14.42
N PHE D 30 11.91 -3.51 15.14
CA PHE D 30 12.16 -4.77 15.81
C PHE D 30 12.04 -4.77 17.34
N HIS D 31 11.93 -5.96 17.90
CA HIS D 31 11.85 -6.21 19.33
C HIS D 31 11.93 -7.73 19.51
N PRO D 32 12.77 -8.21 20.44
CA PRO D 32 13.54 -7.35 21.37
C PRO D 32 14.81 -6.71 20.79
N PRO D 33 15.46 -5.84 21.55
CA PRO D 33 16.59 -5.04 21.04
C PRO D 33 17.87 -5.77 20.69
N HIS D 34 17.88 -7.09 20.80
CA HIS D 34 19.09 -7.84 20.56
C HIS D 34 19.10 -8.21 19.09
N ILE D 35 20.16 -7.81 18.40
CA ILE D 35 20.26 -7.98 16.97
C ILE D 35 21.70 -8.02 16.49
N GLU D 36 21.94 -8.81 15.43
CA GLU D 36 23.24 -8.79 14.77
C GLU D 36 23.08 -8.29 13.33
N ILE D 37 23.87 -7.28 12.99
CA ILE D 37 23.86 -6.65 11.66
C ILE D 37 25.22 -6.72 11.02
N GLN D 38 25.22 -7.20 9.77
CA GLN D 38 26.40 -7.29 8.93
C GLN D 38 26.09 -6.68 7.58
N MET D 39 27.05 -5.94 7.03
CA MET D 39 26.96 -5.52 5.65
C MET D 39 27.99 -6.33 4.89
N LEU D 40 27.60 -6.77 3.71
CA LEU D 40 28.40 -7.66 2.91
C LEU D 40 28.78 -7.03 1.59
N LYS D 41 29.99 -7.34 1.13
CA LYS D 41 30.44 -7.03 -0.22
C LYS D 41 30.70 -8.37 -0.89
N ASN D 42 30.06 -8.62 -2.02
CA ASN D 42 30.20 -9.90 -2.71
C ASN D 42 29.98 -11.12 -1.83
N GLY D 43 28.95 -11.05 -0.99
CA GLY D 43 28.64 -12.14 -0.04
C GLY D 43 29.58 -12.31 1.15
N LYS D 44 30.62 -11.47 1.23
CA LYS D 44 31.62 -11.52 2.28
C LYS D 44 31.57 -10.29 3.19
N LYS D 45 31.73 -10.54 4.49
CA LYS D 45 31.60 -9.55 5.54
C LYS D 45 32.54 -8.33 5.41
N ILE D 46 31.97 -7.14 5.59
CA ILE D 46 32.73 -5.90 5.55
C ILE D 46 33.16 -5.55 7.00
N PRO D 47 34.47 -5.46 7.23
CA PRO D 47 35.01 -5.09 8.55
C PRO D 47 34.70 -3.67 9.03
N LYS D 48 35.05 -2.63 8.27
CA LYS D 48 34.78 -1.22 8.66
C LYS D 48 33.28 -0.81 8.55
N VAL D 49 32.46 -1.31 9.48
CA VAL D 49 31.02 -1.00 9.51
C VAL D 49 30.70 -0.25 10.82
N GLU D 50 30.24 0.98 10.69
CA GLU D 50 29.89 1.83 11.84
C GLU D 50 28.41 1.71 12.20
N MET D 51 28.11 1.82 13.50
CA MET D 51 26.77 1.61 14.03
C MET D 51 26.30 2.76 14.90
N SER D 52 25.08 3.23 14.71
CA SER D 52 24.56 4.22 15.64
C SER D 52 24.36 3.53 17.00
N ASP D 53 24.17 4.31 18.05
CA ASP D 53 23.78 3.72 19.32
C ASP D 53 22.35 3.29 19.11
N MET D 54 21.99 2.18 19.73
CA MET D 54 20.65 1.65 19.66
C MET D 54 19.67 2.70 20.20
N SER D 55 18.54 2.90 19.52
CA SER D 55 17.51 3.82 20.01
C SER D 55 16.14 3.21 19.74
N PHE D 56 15.07 3.88 20.17
CA PHE D 56 13.69 3.44 19.92
C PHE D 56 12.76 4.60 19.53
N SER D 57 11.59 4.27 19.01
CA SER D 57 10.66 5.27 18.45
C SER D 57 9.50 5.63 19.33
N LYS D 58 8.65 6.51 18.81
CA LYS D 58 7.38 6.85 19.44
C LYS D 58 6.65 5.54 19.78
N ASP D 59 6.58 4.59 18.84
CA ASP D 59 5.81 3.32 19.01
C ASP D 59 6.49 2.23 19.83
N TRP D 60 7.64 2.58 20.41
CA TRP D 60 8.48 1.76 21.31
C TRP D 60 9.37 0.74 20.62
N SER D 61 9.22 0.58 19.30
CA SER D 61 10.02 -0.38 18.52
C SER D 61 11.44 0.17 18.26
N PHE D 62 12.43 -0.72 18.19
CA PHE D 62 13.84 -0.30 18.11
C PHE D 62 14.37 -0.07 16.69
N TYR D 63 15.38 0.78 16.56
CA TYR D 63 16.03 1.07 15.30
C TYR D 63 17.53 1.30 15.50
N ILE D 64 18.26 1.16 14.41
CA ILE D 64 19.70 1.35 14.36
C ILE D 64 20.09 1.61 12.90
N LEU D 65 21.12 2.40 12.71
CA LEU D 65 21.72 2.58 11.39
C LEU D 65 23.16 2.07 11.43
N ALA D 66 23.52 1.30 10.42
CA ALA D 66 24.90 0.87 10.21
C ALA D 66 25.26 1.55 8.91
N HIS D 67 26.52 1.92 8.75
CA HIS D 67 26.94 2.57 7.53
C HIS D 67 28.37 2.28 7.32
N THR D 68 28.76 2.25 6.06
CA THR D 68 30.13 1.96 5.71
C THR D 68 30.56 2.72 4.46
N GLU D 69 31.86 2.85 4.30
CA GLU D 69 32.45 3.44 3.10
C GLU D 69 32.46 2.43 1.98
N PHE D 70 31.92 2.79 0.83
CA PHE D 70 31.99 1.89 -0.32
C PHE D 70 32.20 2.65 -1.62
N THR D 71 32.61 1.93 -2.65
CA THR D 71 32.68 2.47 -3.98
C THR D 71 31.97 1.55 -4.96
N PRO D 72 30.76 1.95 -5.35
CA PRO D 72 29.95 1.25 -6.34
C PRO D 72 30.68 0.90 -7.64
N THR D 73 30.61 -0.38 -7.96
CA THR D 73 31.19 -0.91 -9.15
C THR D 73 30.10 -1.70 -9.84
N GLU D 74 30.38 -2.09 -11.08
CA GLU D 74 29.50 -2.89 -11.93
C GLU D 74 29.86 -4.37 -11.81
N THR D 75 30.73 -4.69 -10.87
CA THR D 75 31.18 -6.07 -10.60
C THR D 75 31.02 -6.46 -9.13
N ASP D 76 30.65 -5.50 -8.30
CA ASP D 76 30.47 -5.75 -6.89
C ASP D 76 28.99 -5.66 -6.49
N THR D 77 28.55 -6.57 -5.62
CA THR D 77 27.22 -6.53 -5.02
C THR D 77 27.35 -6.18 -3.55
N TYR D 78 26.38 -5.43 -3.02
CA TYR D 78 26.35 -5.01 -1.61
C TYR D 78 25.02 -5.39 -1.00
N ALA D 79 25.08 -5.95 0.22
CA ALA D 79 23.91 -6.43 0.92
C ALA D 79 23.93 -6.09 2.41
N CYS D 80 22.78 -6.22 3.05
CA CYS D 80 22.76 -6.08 4.50
C CYS D 80 22.11 -7.33 5.00
N ARG D 81 22.74 -7.97 5.98
CA ARG D 81 22.21 -9.20 6.58
C ARG D 81 21.87 -9.01 8.05
N VAL D 82 20.67 -9.43 8.44
CA VAL D 82 20.20 -9.17 9.79
C VAL D 82 19.71 -10.43 10.49
N LYS D 83 20.35 -10.74 11.63
CA LYS D 83 19.95 -11.84 12.52
C LYS D 83 19.14 -11.36 13.73
N HIS D 84 17.89 -11.81 13.81
CA HIS D 84 17.00 -11.47 14.91
C HIS D 84 16.18 -12.66 15.38
N ALA D 85 15.84 -12.70 16.67
CA ALA D 85 15.09 -13.81 17.23
C ALA D 85 13.71 -14.04 16.58
N SER D 86 13.10 -12.96 16.05
CA SER D 86 11.86 -13.02 15.23
C SER D 86 11.91 -13.88 13.98
N MET D 87 13.11 -14.14 13.48
CA MET D 87 13.24 -14.82 12.21
C MET D 87 14.04 -16.12 12.32
N ALA D 88 13.61 -17.14 11.58
CA ALA D 88 14.30 -18.42 11.54
C ALA D 88 15.75 -18.23 11.13
N GLU D 89 15.98 -17.89 9.87
CA GLU D 89 17.35 -17.64 9.35
C GLU D 89 17.60 -16.14 9.21
N PRO D 90 18.87 -15.74 9.02
CA PRO D 90 19.18 -14.32 8.78
C PRO D 90 18.45 -13.78 7.55
N LYS D 91 18.18 -12.48 7.54
CA LYS D 91 17.50 -11.87 6.41
C LYS D 91 18.51 -10.99 5.70
N THR D 92 18.64 -11.19 4.40
CA THR D 92 19.59 -10.42 3.60
C THR D 92 18.83 -9.62 2.55
N VAL D 93 19.04 -8.32 2.56
CA VAL D 93 18.53 -7.46 1.49
C VAL D 93 19.66 -6.81 0.74
N TYR D 94 19.62 -7.01 -0.56
CA TYR D 94 20.59 -6.48 -1.49
C TYR D 94 20.37 -5.02 -1.81
N TRP D 95 21.47 -4.27 -1.87
CA TRP D 95 21.39 -2.90 -2.36
C TRP D 95 21.14 -2.93 -3.88
N ASP D 96 20.00 -2.38 -4.32
CA ASP D 96 19.76 -2.24 -5.74
C ASP D 96 20.36 -0.92 -6.10
N ARG D 97 21.52 -1.02 -6.78
CA ARG D 97 22.45 0.07 -7.14
C ARG D 97 21.90 1.42 -7.54
N ASP D 98 20.72 1.74 -6.99
CA ASP D 98 20.00 2.97 -7.30
C ASP D 98 19.93 3.84 -6.03
N MET D 99 19.32 3.26 -4.97
CA MET D 99 19.10 3.89 -3.66
C MET D 99 20.36 4.44 -3.00
C1 NAG E . -27.17 5.84 6.99
C2 NAG E . -27.64 6.37 8.35
C3 NAG E . -28.91 5.61 8.76
C4 NAG E . -30.01 5.76 7.71
C5 NAG E . -29.40 5.31 6.37
C6 NAG E . -30.24 5.42 5.12
C7 NAG E . -25.70 7.02 9.69
C8 NAG E . -24.66 6.47 10.64
N2 NAG E . -26.65 6.16 9.38
O3 NAG E . -29.38 6.07 9.98
O4 NAG E . -31.08 4.94 8.15
O5 NAG E . -28.23 6.06 6.09
O6 NAG E . -31.19 6.42 5.32
O7 NAG E . -25.63 8.19 9.27
C1 NAG E . -32.31 5.64 8.42
C2 NAG E . -33.45 4.61 8.36
C3 NAG E . -34.79 5.16 8.80
C4 NAG E . -34.69 5.79 10.17
C5 NAG E . -33.54 6.82 10.17
C6 NAG E . -33.24 7.34 11.57
C7 NAG E . -33.65 2.67 6.95
C8 NAG E . -34.29 2.14 5.71
N2 NAG E . -33.54 3.99 7.05
O3 NAG E . -35.67 4.09 8.91
O4 NAG E . -35.97 6.27 10.58
O5 NAG E . -32.32 6.25 9.70
O6 NAG E . -32.72 6.31 12.40
O7 NAG E . -33.25 1.89 7.83
C1 NAG F . 4.68 18.97 39.07
C2 NAG F . 4.28 19.56 40.41
C3 NAG F . 3.00 18.86 40.89
C4 NAG F . 1.89 18.93 39.83
C5 NAG F . 2.51 18.44 38.51
C6 NAG F . 1.61 18.38 37.28
C7 NAG F . 6.14 20.42 41.76
C8 NAG F . 7.19 20.06 42.77
N2 NAG F . 5.35 19.42 41.37
O3 NAG F . 2.56 19.34 42.14
O4 NAG F . 0.80 18.14 40.25
O5 NAG F . 3.62 19.24 38.16
O6 NAG F . 1.06 19.65 37.12
O7 NAG F . 6.06 21.59 41.36
C1 NAG F . -0.46 18.80 40.54
C2 NAG F . -1.57 17.76 40.59
C3 NAG F . -2.92 18.30 41.10
C4 NAG F . -2.75 19.14 42.36
C5 NAG F . -1.64 20.18 42.12
C6 NAG F . -1.41 21.12 43.30
C7 NAG F . -1.80 15.83 39.08
C8 NAG F . -2.29 15.43 37.73
N2 NAG F . -1.69 17.14 39.28
O3 NAG F . -3.81 17.27 41.44
O4 NAG F . -3.98 19.72 42.76
O5 NAG F . -0.44 19.50 41.78
O6 NAG F . -0.87 20.48 44.45
O7 NAG F . -1.52 14.95 39.91
C1 NAG G . -9.86 -28.66 0.99
C2 NAG G . -9.01 -29.94 0.93
C3 NAG G . -7.76 -29.73 0.05
C4 NAG G . -8.08 -29.08 -1.31
C5 NAG G . -9.09 -27.92 -1.19
C6 NAG G . -9.76 -27.62 -2.53
C7 NAG G . -9.55 -31.11 3.04
C8 NAG G . -9.86 -30.52 4.38
N2 NAG G . -8.69 -30.46 2.26
O3 NAG G . -7.11 -30.98 -0.16
O4 NAG G . -6.93 -28.62 -1.99
O5 NAG G . -10.16 -28.28 -0.35
O6 NAG G . -8.84 -27.05 -3.42
O7 NAG G . -10.10 -32.17 2.71
C1 NAG H . -5.59 -16.55 1.78
C2 NAG H . -4.92 -17.93 1.78
C3 NAG H . -4.50 -18.51 3.16
C4 NAG H . -4.24 -17.46 4.26
C5 NAG H . -5.23 -16.31 4.12
C6 NAG H . -4.91 -15.16 5.04
C7 NAG H . -5.27 -19.63 0.08
C8 NAG H . -6.03 -20.86 -0.31
N2 NAG H . -5.76 -18.87 1.06
O3 NAG H . -3.33 -19.27 3.01
O4 NAG H . -4.23 -18.07 5.55
O5 NAG H . -5.12 -15.75 2.82
O6 NAG H . -3.65 -14.59 4.66
O7 NAG H . -4.21 -19.38 -0.50
C17 PBS I . -22.73 -18.12 5.65
C16 PBS I . -24.01 -17.30 5.86
C15 PBS I . -24.18 -16.27 4.75
C14 PBS I . -24.08 -14.86 5.34
C13 PBS I . -24.31 -13.82 4.25
C12 PBS I . -24.33 -12.43 4.87
C11 PBS I . -22.91 -11.97 5.22
C10 PBS I . -22.67 -10.51 4.90
C9 PBS I . -21.16 -10.32 4.88
C8 PBS I . -20.68 -9.04 5.59
C7 PBS I . -20.25 -9.36 7.01
C6 PBS I . -18.99 -8.60 7.51
C5 PBS I . -18.29 -9.58 8.46
C4 PBS I . -17.41 -8.97 9.60
C3 PBS I . -18.22 -8.72 10.89
O32 PBS I . -19.09 -9.80 11.15
C2 PBS I . -17.33 -8.54 12.15
O1 PBS I . -16.80 -9.82 12.43
C1 PBS I . -16.17 -7.53 12.02
N PBS I . -16.59 -6.14 11.63
C18 PBS I . -15.80 -5.38 10.85
O2 PBS I . -14.72 -5.76 10.42
C19 PBS I . -16.27 -3.97 10.50
C20 PBS I . -17.28 -3.94 9.38
C21 PBS I . -16.75 -4.07 7.95
C22 PBS I . -17.89 -4.73 7.14
C23 PBS I . -18.15 -4.02 5.82
C24 PBS I . -18.48 -4.99 4.68
C25 PBS I . -18.25 -4.35 3.31
C PBS I . -15.39 -7.47 13.34
OC1 PBS I . -16.33 -7.09 14.38
CG1 PBS I . -15.89 -6.64 15.71
OG PBS I . -15.02 -5.53 15.58
CG PBS I . -15.63 -4.27 15.12
CG5 PBS I . -14.43 -3.35 14.91
OG6 PBS I . -13.96 -3.63 13.58
CG4 PBS I . -16.79 -3.76 16.01
OG5 PBS I . -16.34 -3.28 17.31
CG3 PBS I . -17.76 -4.91 16.22
OG4 PBS I . -18.73 -4.50 17.17
CG2 PBS I . -17.05 -6.23 16.64
OG3 PBS I . -18.02 -7.27 16.64
C27 R16 J . -16.69 -5.13 -0.11
C28 R16 J . -15.23 -4.60 0.03
C29 R16 J . -14.18 -5.61 -0.49
C30 R16 J . -12.73 -5.15 -0.17
C31 R16 J . -12.27 -3.96 -1.05
C32 R16 J . -11.25 -2.93 -0.40
C33 R16 J . -11.18 -1.67 -1.29
C34 R16 J . -10.63 -0.40 -0.59
C35 R16 J . -10.96 0.94 -1.31
C36 R16 J . -12.40 1.45 -0.97
C37 R16 J . -12.45 2.74 -0.11
C38 R16 J . -13.92 3.25 0.08
C39 R16 J . -14.62 2.64 1.33
C40 R16 J . -16.12 2.31 1.16
C41 R16 J . -16.34 0.88 0.60
C42 R16 J . -17.77 0.35 0.82
C1 NAG K . 26.20 -3.26 33.73
C2 NAG K . 26.86 -4.63 33.85
C3 NAG K . 27.13 -5.12 35.28
C4 NAG K . 27.67 -4.04 36.22
C5 NAG K . 26.97 -2.68 35.97
C6 NAG K . 27.81 -1.56 36.59
C7 NAG K . 26.63 -6.33 32.18
C8 NAG K . 26.05 -7.68 31.90
N2 NAG K . 26.07 -5.62 33.14
O3 NAG K . 28.11 -6.15 35.23
O4 NAG K . 27.62 -4.49 37.57
O5 NAG K . 26.85 -2.34 34.58
O6 NAG K . 28.87 -1.21 35.71
O7 NAG K . 27.59 -5.93 31.52
C17 PBS L . 8.73 -5.43 37.37
C16 PBS L . 8.17 -4.07 37.74
C15 PBS L . 8.14 -3.12 36.55
C14 PBS L . 7.57 -1.76 36.96
C13 PBS L . 8.02 -0.63 36.04
C12 PBS L . 8.03 0.66 36.84
C11 PBS L . 9.10 1.61 36.32
C10 PBS L . 9.31 2.78 37.26
C9 PBS L . 10.76 3.31 37.20
C8 PBS L . 11.17 3.87 38.58
C7 PBS L . 12.58 4.47 38.54
C6 PBS L . 13.12 4.77 39.95
C5 PBS L . 13.82 3.57 40.56
C4 PBS L . 14.74 3.93 41.73
C3 PBS L . 13.91 4.43 42.92
O32 PBS L . 12.81 3.54 43.10
C2 PBS L . 14.73 4.60 44.20
O1 PBS L . 15.39 3.37 44.47
C1 PBS L . 15.84 5.68 44.11
N PBS L . 15.33 7.03 43.79
C18 PBS L . 15.94 7.86 42.93
O2 PBS L . 16.97 7.57 42.32
C19 PBS L . 15.31 9.24 42.71
C20 PBS L . 14.50 9.33 41.41
C21 PBS L . 15.34 9.30 40.15
C22 PBS L . 14.50 9.74 38.93
C23 PBS L . 13.88 8.54 38.22
C24 PBS L . 13.26 8.95 36.90
C25 PBS L . 13.69 8.00 35.80
C PBS L . 16.63 5.75 45.41
OC1 PBS L . 15.79 6.45 46.35
CG1 PBS L . 16.31 6.72 47.66
OG PBS L . 17.11 7.90 47.60
CG PBS L . 16.43 9.12 47.14
CG5 PBS L . 17.50 10.24 47.12
OG6 PBS L . 17.78 10.64 45.77
CG4 PBS L . 15.25 9.44 48.06
OG5 PBS L . 15.72 9.87 49.32
CG3 PBS L . 14.35 8.20 48.24
OG4 PBS L . 13.28 8.47 49.15
CG2 PBS L . 15.15 6.94 48.65
OG3 PBS L . 14.31 5.79 48.58
C27 R16 M . 15.81 8.06 32.22
C28 R16 M . 16.98 7.90 31.22
C29 R16 M . 18.35 7.60 31.90
C30 R16 M . 19.11 8.88 32.29
C31 R16 M . 20.00 9.45 31.12
C32 R16 M . 20.68 10.81 31.41
C33 R16 M . 19.91 12.05 30.88
C34 R16 M . 20.84 13.26 30.57
C35 R16 M . 20.65 14.47 31.52
C36 R16 M . 19.39 15.32 31.22
C37 R16 M . 19.00 16.18 32.44
C38 R16 M . 17.50 16.57 32.47
C39 R16 M . 16.74 15.87 33.61
C40 R16 M . 15.38 15.30 33.14
C41 R16 M . 15.42 13.78 32.95
C42 R16 M . 14.05 13.26 32.52
#